data_3G0T
#
_entry.id   3G0T
#
_cell.length_a   220.440
_cell.length_b   54.970
_cell.length_c   81.154
_cell.angle_alpha   90.000
_cell.angle_beta   90.000
_cell.angle_gamma   90.000
#
_symmetry.space_group_name_H-M   'P 21 21 2'
#
loop_
_entity.id
_entity.type
_entity.pdbx_description
1 polymer 'Putative aminotransferase'
2 non-polymer 'SODIUM ION'
3 non-polymer 'CHLORIDE ION'
4 non-polymer 1,2-ETHANEDIOL
5 non-polymer 2-{2-[2-(2-{2-[2-(2-ETHOXY-ETHOXY)-ETHOXY]-ETHOXY}-ETHOXY)-ETHOXY]-ETHOXY}-ETHANOL
6 water water
#
_entity_poly.entity_id   1
_entity_poly.type   'polypeptide(L)'
_entity_poly.pdbx_seq_one_letter_code
;G(MSE)NFPIDEKLIREKQNELHIKDLG(MSE)ASIRDLVALVTNLEKATGTKFCR(MSE)E(MSE)GVPGLPAPQIGIE
TEIQKLREGVASIYPNLDGLPELKQEASRFAKLFVNIDIPARACVPTVGS(MSE)QGCFVSFLVANRTHKNREYGTLFID
PGFNLNKLQCRILGQKFESFDLFEYRGEKLREKLESYLQTGQFCSIIYSNPNNPTWQC(MSE)TDEELRIIGELATKHDV
IVIEDLAYFG(MSE)DFRKDYSHPGEPLYQPSVANYTDNYILALSSS(LLP)AFSYAGQRIGVL(MSE)ISGKLYEREYP
DLEESFGRLRFGEALSSSALYALSSGATHSAQWG(MSE)AA(MSE)LKACNDGEYNFRDSVIEYGRKARI(MSE)KK
(MSE)FLDNGFNIVYDKDGNEPLADGFYFTVGYKG(MSE)DSSKLIEKFVRYG(MSE)CAITLKTTGSKRNEA(MSE)RI
CTSLLPESQFPDLEKRLQ(MSE)LNAEG
;
_entity_poly.pdbx_strand_id   A,B
#
# COMPACT_ATOMS: atom_id res chain seq x y z
N GLY A 1 -11.76 -23.37 -36.27
N GLY A 1 -13.84 -25.59 -33.42
CA GLY A 1 -10.77 -23.62 -35.18
CA GLY A 1 -12.50 -25.21 -32.94
C GLY A 1 -9.86 -24.80 -35.49
C GLY A 1 -11.40 -26.07 -33.52
N ASN A 3 -7.66 -28.40 -34.08
N ASN A 3 -8.26 -28.47 -33.80
CA ASN A 3 -7.84 -29.52 -33.12
CA ASN A 3 -8.02 -29.72 -33.08
C ASN A 3 -6.52 -29.90 -32.44
C ASN A 3 -6.62 -29.88 -32.42
N PHE A 4 -6.56 -30.77 -31.42
CA PHE A 4 -5.31 -31.08 -30.63
C PHE A 4 -4.60 -32.37 -31.05
N PRO A 5 -3.27 -32.38 -30.93
CA PRO A 5 -2.40 -31.33 -30.39
C PRO A 5 -2.20 -30.12 -31.31
N ILE A 6 -1.87 -28.98 -30.71
CA ILE A 6 -1.49 -27.78 -31.45
C ILE A 6 -0.12 -28.05 -32.09
N ASP A 7 0.09 -27.48 -33.28
CA ASP A 7 1.36 -27.65 -34.03
C ASP A 7 2.56 -27.09 -33.25
N GLU A 8 3.59 -27.91 -33.11
CA GLU A 8 4.82 -27.47 -32.41
C GLU A 8 5.48 -26.23 -33.01
N LYS A 9 5.38 -26.03 -34.33
CA LYS A 9 5.99 -24.84 -34.98
C LYS A 9 5.30 -23.59 -34.49
N LEU A 10 3.97 -23.63 -34.48
CA LEU A 10 3.17 -22.50 -33.98
C LEU A 10 3.59 -22.11 -32.55
N ILE A 11 3.77 -23.09 -31.69
CA ILE A 11 4.14 -22.85 -30.29
C ILE A 11 5.54 -22.23 -30.21
N ARG A 12 6.47 -22.75 -31.01
CA ARG A 12 7.83 -22.18 -31.03
C ARG A 12 7.77 -20.70 -31.47
N GLU A 13 7.01 -20.41 -32.53
CA GLU A 13 6.90 -19.05 -33.04
C GLU A 13 6.35 -18.08 -32.01
N LYS A 14 5.26 -18.47 -31.34
CA LYS A 14 4.66 -17.60 -30.34
C LYS A 14 5.57 -17.43 -29.11
N GLN A 15 6.29 -18.48 -28.71
CA GLN A 15 7.25 -18.38 -27.61
C GLN A 15 8.41 -17.45 -27.96
N ASN A 16 8.97 -17.63 -29.16
CA ASN A 16 10.07 -16.78 -29.65
C ASN A 16 9.66 -15.31 -29.69
N GLU A 17 8.45 -15.06 -30.19
CA GLU A 17 7.85 -13.73 -30.23
C GLU A 17 7.79 -13.06 -28.85
N LEU A 18 7.60 -13.87 -27.79
CA LEU A 18 7.58 -13.39 -26.39
C LEU A 18 8.96 -13.49 -25.69
N HIS A 19 9.94 -14.01 -26.41
CA HIS A 19 11.32 -14.18 -25.94
C HIS A 19 11.43 -15.12 -24.73
N ILE A 20 10.59 -16.15 -24.76
CA ILE A 20 10.56 -17.16 -23.71
C ILE A 20 11.54 -18.25 -24.09
N LYS A 21 12.61 -18.42 -23.33
CA LYS A 21 13.60 -19.48 -23.58
C LYS A 21 13.22 -20.83 -22.95
N ASP A 22 12.75 -20.81 -21.70
CA ASP A 22 12.38 -22.01 -20.93
C ASP A 22 10.95 -21.75 -20.41
N LEU A 23 9.97 -22.42 -21.00
CA LEU A 23 8.59 -22.18 -20.63
C LEU A 23 8.32 -22.51 -19.15
N GLY A 24 9.08 -23.46 -18.60
CA GLY A 24 8.92 -23.82 -17.19
C GLY A 24 9.37 -22.73 -16.24
N ALA A 26 9.10 -19.29 -17.38
CA ALA A 26 8.45 -18.08 -17.89
C ALA A 26 7.63 -17.44 -16.80
N SER A 27 7.57 -16.12 -16.77
CA SER A 27 6.78 -15.45 -15.76
C SER A 27 5.30 -15.73 -16.06
N ILE A 28 4.46 -15.50 -15.06
CA ILE A 28 3.02 -15.73 -15.26
C ILE A 28 2.47 -14.82 -16.38
N ARG A 29 2.95 -13.57 -16.49
CA ARG A 29 2.52 -12.70 -17.60
C ARG A 29 2.83 -13.27 -18.95
N ASP A 30 4.05 -13.78 -19.10
CA ASP A 30 4.46 -14.32 -20.41
C ASP A 30 3.73 -15.63 -20.72
N LEU A 31 3.55 -16.48 -19.70
CA LEU A 31 2.77 -17.72 -19.90
C LEU A 31 1.33 -17.37 -20.34
N VAL A 32 0.71 -16.45 -19.63
CA VAL A 32 -0.66 -16.01 -19.94
C VAL A 32 -0.71 -15.42 -21.35
N ALA A 33 0.28 -14.59 -21.68
CA ALA A 33 0.33 -13.98 -23.01
C ALA A 33 0.48 -15.05 -24.07
N LEU A 34 1.35 -16.04 -23.82
CA LEU A 34 1.53 -17.11 -24.79
C LEU A 34 0.25 -17.87 -25.07
N VAL A 35 -0.44 -18.27 -24.00
CA VAL A 35 -1.68 -19.03 -24.15
C VAL A 35 -2.78 -18.20 -24.85
N THR A 36 -2.91 -16.93 -24.50
CA THR A 36 -3.92 -16.10 -25.15
CA THR A 36 -3.89 -16.03 -25.14
C THR A 36 -3.59 -15.91 -26.64
N ASN A 37 -2.31 -15.74 -26.98
CA ASN A 37 -1.90 -15.62 -28.40
C ASN A 37 -2.14 -16.94 -29.12
N LEU A 38 -1.95 -18.09 -28.43
CA LEU A 38 -2.24 -19.39 -29.06
C LEU A 38 -3.74 -19.63 -29.22
N GLU A 39 -4.53 -19.22 -28.22
CA GLU A 39 -5.99 -19.37 -28.31
C GLU A 39 -6.52 -18.64 -29.55
N LYS A 40 -6.13 -17.37 -29.66
CA LYS A 40 -6.51 -16.46 -30.76
C LYS A 40 -6.05 -17.01 -32.10
N ALA A 41 -4.82 -17.51 -32.15
CA ALA A 41 -4.27 -18.06 -33.38
C ALA A 41 -4.82 -19.43 -33.78
N THR A 42 -5.53 -20.12 -32.88
CA THR A 42 -6.05 -21.47 -33.18
C THR A 42 -7.58 -21.64 -33.05
N GLY A 43 -8.28 -20.60 -32.62
CA GLY A 43 -9.72 -20.69 -32.39
C GLY A 43 -10.18 -21.66 -31.29
N THR A 44 -9.30 -21.94 -30.31
CA THR A 44 -9.67 -22.84 -29.20
C THR A 44 -9.64 -22.09 -27.88
N LYS A 45 -10.29 -22.64 -26.86
CA LYS A 45 -10.20 -22.10 -25.50
C LYS A 45 -9.40 -23.14 -24.70
N PHE A 46 -8.29 -22.73 -24.13
CA PHE A 46 -7.51 -23.61 -23.27
C PHE A 46 -8.24 -23.80 -21.96
N CYS A 47 -7.90 -24.89 -21.27
CA CYS A 47 -8.33 -25.13 -19.90
C CYS A 47 -7.27 -24.41 -19.06
N ARG A 48 -7.59 -23.20 -18.62
CA ARG A 48 -6.64 -22.36 -17.91
CA ARG A 48 -6.64 -22.36 -17.88
C ARG A 48 -6.71 -22.54 -16.37
N GLU A 50 -3.93 -21.86 -14.35
CA GLU A 50 -2.74 -21.24 -13.82
C GLU A 50 -2.92 -20.12 -12.78
N GLY A 52 -4.06 -18.25 -9.55
CA GLY A 52 -4.43 -18.46 -8.16
C GLY A 52 -5.23 -17.27 -7.62
N VAL A 53 -6.44 -17.08 -8.14
CA VAL A 53 -7.29 -15.92 -7.83
C VAL A 53 -8.71 -16.39 -7.55
N PRO A 54 -9.51 -15.57 -6.85
CA PRO A 54 -10.85 -16.04 -6.52
C PRO A 54 -11.69 -16.29 -7.74
N GLY A 55 -12.54 -17.32 -7.64
CA GLY A 55 -13.45 -17.72 -8.72
C GLY A 55 -14.91 -17.60 -8.32
N LEU A 56 -15.14 -17.09 -7.13
CA LEU A 56 -16.49 -16.90 -6.56
C LEU A 56 -16.76 -15.40 -6.39
N PRO A 57 -18.03 -14.99 -6.33
CA PRO A 57 -18.31 -13.56 -6.15
C PRO A 57 -18.02 -13.09 -4.72
N ALA A 58 -17.73 -11.79 -4.58
CA ALA A 58 -17.50 -11.17 -3.27
C ALA A 58 -18.80 -11.29 -2.49
N PRO A 59 -18.73 -11.58 -1.18
CA PRO A 59 -19.92 -11.70 -0.39
C PRO A 59 -20.75 -10.43 -0.31
N GLN A 60 -22.07 -10.57 -0.38
CA GLN A 60 -22.93 -9.40 -0.38
C GLN A 60 -22.75 -8.54 0.87
N ILE A 61 -22.49 -9.16 2.03
CA ILE A 61 -22.32 -8.42 3.29
CA ILE A 61 -22.37 -8.34 3.25
C ILE A 61 -21.16 -7.40 3.17
N GLY A 62 -20.10 -7.78 2.45
CA GLY A 62 -18.95 -6.87 2.31
C GLY A 62 -19.32 -5.71 1.40
N ILE A 63 -19.83 -6.06 0.21
CA ILE A 63 -20.17 -5.10 -0.83
C ILE A 63 -21.19 -4.11 -0.33
N GLU A 64 -22.23 -4.59 0.34
CA GLU A 64 -23.32 -3.71 0.76
C GLU A 64 -22.87 -2.78 1.89
N THR A 65 -21.95 -3.25 2.73
CA THR A 65 -21.42 -2.41 3.80
C THR A 65 -20.58 -1.31 3.18
N GLU A 66 -19.75 -1.68 2.20
CA GLU A 66 -18.96 -0.61 1.51
C GLU A 66 -19.87 0.44 0.90
N ILE A 67 -20.94 -0.04 0.28
CA ILE A 67 -21.88 0.88 -0.37
C ILE A 67 -22.49 1.83 0.65
N GLN A 68 -23.00 1.28 1.76
CA GLN A 68 -23.60 2.11 2.80
CA GLN A 68 -23.58 2.07 2.83
C GLN A 68 -22.60 3.13 3.34
N LYS A 69 -21.36 2.71 3.56
CA LYS A 69 -20.32 3.56 4.14
C LYS A 69 -19.84 4.66 3.20
N LEU A 70 -19.84 4.36 1.89
CA LEU A 70 -19.50 5.36 0.88
C LEU A 70 -20.61 6.43 0.88
N ARG A 71 -21.86 5.98 0.95
CA ARG A 71 -23.00 6.90 1.04
CA ARG A 71 -22.97 6.93 1.01
C ARG A 71 -22.95 7.73 2.33
N GLU A 72 -22.49 7.14 3.42
CA GLU A 72 -22.38 7.84 4.70
C GLU A 72 -21.23 8.85 4.79
N GLY A 73 -20.22 8.70 3.96
CA GLY A 73 -19.13 9.69 3.94
C GLY A 73 -17.70 9.24 4.20
N VAL A 74 -17.43 7.95 4.25
CA VAL A 74 -16.06 7.51 4.58
C VAL A 74 -15.00 7.84 3.53
N ALA A 75 -15.41 8.05 2.29
CA ALA A 75 -14.42 8.34 1.25
C ALA A 75 -13.64 9.64 1.48
N SER A 76 -14.23 10.60 2.19
CA SER A 76 -13.60 11.90 2.43
C SER A 76 -12.89 11.98 3.79
N ILE A 77 -12.76 10.84 4.49
CA ILE A 77 -12.19 10.79 5.84
C ILE A 77 -11.03 9.83 5.88
N TYR A 78 -9.83 10.33 6.19
CA TYR A 78 -8.67 9.43 6.33
C TYR A 78 -9.00 8.37 7.40
N PRO A 79 -8.68 7.11 7.16
CA PRO A 79 -8.86 6.13 8.21
C PRO A 79 -7.99 6.45 9.42
N ASN A 80 -8.48 6.11 10.60
CA ASN A 80 -7.68 6.25 11.81
C ASN A 80 -6.26 5.69 11.61
N LEU A 81 -5.31 6.33 12.30
CA LEU A 81 -3.91 5.97 12.22
C LEU A 81 -3.63 4.49 12.52
N ASP A 82 -4.35 3.94 13.49
CA ASP A 82 -4.12 2.52 13.84
C ASP A 82 -4.99 1.54 13.04
N GLY A 83 -5.82 2.06 12.14
CA GLY A 83 -6.77 1.25 11.39
C GLY A 83 -8.19 1.52 11.85
N LEU A 84 -9.16 1.10 11.04
CA LEU A 84 -10.58 1.30 11.37
C LEU A 84 -10.84 0.52 12.65
N PRO A 85 -11.32 1.20 13.71
CA PRO A 85 -11.56 0.49 14.99
C PRO A 85 -12.39 -0.80 14.86
N GLU A 86 -13.44 -0.74 14.06
CA GLU A 86 -14.30 -1.88 13.86
C GLU A 86 -13.57 -3.05 13.26
N LEU A 87 -12.66 -2.80 12.31
CA LEU A 87 -11.91 -3.88 11.71
C LEU A 87 -10.97 -4.52 12.77
N LYS A 88 -10.33 -3.66 13.56
CA LYS A 88 -9.42 -4.11 14.61
C LYS A 88 -10.19 -4.97 15.60
N GLN A 89 -11.38 -4.49 15.99
CA GLN A 89 -12.19 -5.20 16.97
CA GLN A 89 -12.29 -5.15 16.93
C GLN A 89 -12.70 -6.54 16.41
N GLU A 90 -13.18 -6.55 15.16
CA GLU A 90 -13.67 -7.77 14.55
C GLU A 90 -12.59 -8.79 14.27
N ALA A 91 -11.38 -8.31 13.92
CA ALA A 91 -10.24 -9.21 13.75
C ALA A 91 -9.86 -9.85 15.07
N SER A 92 -9.86 -9.08 16.14
CA SER A 92 -9.58 -9.65 17.47
C SER A 92 -10.60 -10.73 17.82
N ARG A 93 -11.89 -10.44 17.60
CA ARG A 93 -12.92 -11.45 17.86
C ARG A 93 -12.71 -12.68 16.98
N PHE A 94 -12.30 -12.47 15.75
CA PHE A 94 -12.14 -13.57 14.78
C PHE A 94 -10.99 -14.48 15.26
N ALA A 95 -9.91 -13.89 15.76
CA ALA A 95 -8.78 -14.69 16.30
C ALA A 95 -9.25 -15.58 17.44
N LYS A 96 -10.12 -15.02 18.30
CA LYS A 96 -10.63 -15.79 19.41
C LYS A 96 -11.61 -16.88 18.94
N LEU A 97 -12.54 -16.50 18.07
CA LEU A 97 -13.59 -17.41 17.71
C LEU A 97 -13.25 -18.45 16.67
N PHE A 98 -12.19 -18.20 15.92
CA PHE A 98 -11.81 -19.10 14.83
C PHE A 98 -10.40 -19.70 14.97
N VAL A 99 -9.54 -19.10 15.80
CA VAL A 99 -8.20 -19.65 16.11
C VAL A 99 -8.04 -20.01 17.60
N ASN A 100 -8.98 -19.56 18.43
CA ASN A 100 -8.95 -19.74 19.88
C ASN A 100 -7.72 -19.14 20.55
N ILE A 101 -7.33 -17.95 20.07
CA ILE A 101 -6.19 -17.20 20.59
C ILE A 101 -6.64 -15.80 21.00
N ASP A 102 -6.08 -15.26 22.08
CA ASP A 102 -6.40 -13.91 22.54
C ASP A 102 -5.40 -12.94 21.96
N ILE A 103 -5.85 -12.17 20.98
CA ILE A 103 -5.06 -11.13 20.35
C ILE A 103 -5.85 -9.83 20.53
N PRO A 104 -5.30 -8.83 21.24
CA PRO A 104 -6.08 -7.60 21.41
C PRO A 104 -6.27 -6.81 20.13
N ALA A 105 -7.36 -6.04 20.10
CA ALA A 105 -7.67 -5.19 18.94
C ALA A 105 -6.50 -4.28 18.62
N ARG A 106 -5.83 -3.80 19.65
CA ARG A 106 -4.68 -2.90 19.47
C ARG A 106 -3.62 -3.50 18.52
N ALA A 107 -3.42 -4.81 18.61
CA ALA A 107 -2.41 -5.54 17.84
C ALA A 107 -2.90 -6.17 16.53
N CYS A 108 -4.11 -5.80 16.12
CA CYS A 108 -4.70 -6.23 14.87
C CYS A 108 -4.63 -4.98 13.94
N VAL A 109 -3.83 -5.11 12.89
CA VAL A 109 -3.48 -3.99 12.05
C VAL A 109 -3.91 -4.15 10.60
N PRO A 110 -4.84 -3.30 10.15
CA PRO A 110 -5.25 -3.41 8.74
C PRO A 110 -4.15 -3.09 7.75
N THR A 111 -4.12 -3.87 6.67
CA THR A 111 -3.11 -3.75 5.62
C THR A 111 -3.77 -3.82 4.25
N VAL A 112 -3.03 -3.31 3.27
CA VAL A 112 -3.44 -3.31 1.87
C VAL A 112 -3.10 -4.70 1.30
N GLY A 113 -4.00 -5.62 1.66
CA GLY A 113 -3.86 -7.02 1.39
C GLY A 113 -2.78 -7.59 2.30
N SER A 114 -2.71 -8.91 2.30
CA SER A 114 -1.57 -9.60 2.95
C SER A 114 -0.24 -9.35 2.29
N GLN A 116 0.88 -6.32 1.44
CA GLN A 116 1.42 -5.23 2.24
C GLN A 116 1.76 -5.77 3.65
N GLY A 117 0.92 -6.64 4.20
CA GLY A 117 1.17 -7.22 5.54
C GLY A 117 2.50 -7.94 5.57
N CYS A 118 2.78 -8.75 4.53
CA CYS A 118 4.04 -9.45 4.45
C CYS A 118 5.19 -8.45 4.27
N PHE A 119 5.03 -7.46 3.40
CA PHE A 119 6.09 -6.52 3.15
C PHE A 119 6.52 -5.84 4.47
N VAL A 120 5.55 -5.32 5.19
CA VAL A 120 5.84 -4.61 6.42
C VAL A 120 6.34 -5.57 7.53
N SER A 121 5.86 -6.81 7.55
CA SER A 121 6.41 -7.82 8.48
C SER A 121 7.89 -8.09 8.25
N PHE A 122 8.27 -8.21 6.97
CA PHE A 122 9.69 -8.37 6.65
C PHE A 122 10.47 -7.12 7.06
N LEU A 123 9.93 -5.95 6.68
CA LEU A 123 10.58 -4.66 6.92
C LEU A 123 10.95 -4.46 8.39
N VAL A 124 10.01 -4.79 9.25
CA VAL A 124 10.23 -4.65 10.71
C VAL A 124 10.86 -5.87 11.39
N ALA A 125 10.30 -7.06 11.23
CA ALA A 125 10.81 -8.26 11.87
C ALA A 125 12.25 -8.52 11.51
N ASN A 126 12.62 -8.24 10.29
CA ASN A 126 13.99 -8.49 9.89
C ASN A 126 14.99 -7.38 10.26
N ARG A 127 14.53 -6.40 11.02
CA ARG A 127 15.42 -5.38 11.54
C ARG A 127 15.50 -5.43 13.08
N THR A 128 14.91 -6.46 13.68
CA THR A 128 14.89 -6.58 15.14
C THR A 128 16.24 -6.94 15.78
N HIS A 129 17.20 -7.50 15.02
CA HIS A 129 18.51 -7.87 15.57
C HIS A 129 19.56 -7.57 14.54
N LYS A 130 20.12 -6.38 14.61
CA LYS A 130 21.05 -5.91 13.61
C LYS A 130 22.30 -6.80 13.48
N ASN A 131 22.67 -7.55 14.53
CA ASN A 131 23.85 -8.42 14.50
CA ASN A 131 23.87 -8.39 14.42
C ASN A 131 23.62 -9.76 13.80
N ARG A 132 22.40 -10.01 13.32
CA ARG A 132 22.10 -11.28 12.63
C ARG A 132 22.20 -11.03 11.13
N GLU A 133 22.88 -11.92 10.43
CA GLU A 133 23.19 -11.77 9.00
C GLU A 133 22.00 -11.89 8.05
N TYR A 134 21.03 -12.74 8.42
CA TYR A 134 19.85 -12.99 7.57
C TYR A 134 18.57 -12.45 8.17
N GLY A 135 17.55 -12.36 7.32
CA GLY A 135 16.19 -12.02 7.76
C GLY A 135 15.39 -13.29 7.94
N THR A 136 14.64 -13.64 6.89
CA THR A 136 13.74 -14.74 6.88
C THR A 136 14.29 -16.08 6.41
N LEU A 137 13.81 -17.12 7.09
CA LEU A 137 13.99 -18.51 6.69
C LEU A 137 12.63 -18.91 6.10
N PHE A 138 12.63 -19.17 4.81
CA PHE A 138 11.41 -19.59 4.09
C PHE A 138 11.19 -21.11 4.18
N ILE A 139 10.07 -21.56 4.73
CA ILE A 139 9.70 -22.99 4.66
C ILE A 139 8.91 -23.10 3.34
N ASP A 140 9.61 -23.51 2.29
CA ASP A 140 9.06 -23.58 0.95
C ASP A 140 8.48 -24.99 0.70
N PRO A 141 7.80 -25.23 -0.45
CA PRO A 141 7.46 -24.30 -1.51
C PRO A 141 6.56 -23.18 -0.98
N GLY A 142 6.69 -22.01 -1.59
CA GLY A 142 5.95 -20.84 -1.15
C GLY A 142 5.62 -19.91 -2.30
N PHE A 143 5.42 -18.65 -1.90
CA PHE A 143 4.89 -17.57 -2.74
C PHE A 143 6.10 -16.72 -3.14
N ASN A 144 6.48 -16.80 -4.41
CA ASN A 144 7.69 -16.17 -4.87
C ASN A 144 7.75 -14.62 -4.69
N LEU A 145 6.58 -13.98 -4.67
CA LEU A 145 6.52 -12.52 -4.44
C LEU A 145 7.18 -12.17 -3.07
N ASN A 146 7.07 -13.07 -2.07
CA ASN A 146 7.68 -12.83 -0.77
C ASN A 146 9.19 -12.67 -0.89
N LYS A 147 9.83 -13.48 -1.77
CA LYS A 147 11.26 -13.38 -1.97
C LYS A 147 11.65 -12.08 -2.62
N LEU A 148 10.81 -11.63 -3.55
CA LEU A 148 11.06 -10.34 -4.23
C LEU A 148 10.97 -9.21 -3.19
N GLN A 149 10.02 -9.32 -2.25
CA GLN A 149 9.91 -8.34 -1.17
C GLN A 149 11.20 -8.24 -0.34
N CYS A 150 11.76 -9.39 0.08
CA CYS A 150 13.03 -9.42 0.81
C CYS A 150 14.17 -8.85 -0.03
N ARG A 151 14.16 -9.20 -1.32
CA ARG A 151 15.19 -8.71 -2.25
C ARG A 151 15.17 -7.18 -2.34
N ILE A 152 13.99 -6.62 -2.54
CA ILE A 152 13.81 -5.18 -2.58
C ILE A 152 14.29 -4.53 -1.28
N LEU A 153 13.99 -5.17 -0.14
CA LEU A 153 14.43 -4.68 1.18
C LEU A 153 15.93 -4.91 1.45
N GLY A 154 16.61 -5.62 0.56
CA GLY A 154 18.06 -5.86 0.71
C GLY A 154 18.38 -6.81 1.85
N GLN A 155 17.43 -7.70 2.17
CA GLN A 155 17.52 -8.64 3.28
C GLN A 155 17.81 -10.05 2.78
N LYS A 156 18.91 -10.61 3.23
CA LYS A 156 19.25 -11.98 2.82
C LYS A 156 18.29 -12.95 3.47
N PHE A 157 18.07 -14.06 2.78
CA PHE A 157 17.20 -15.07 3.25
C PHE A 157 17.73 -16.46 2.86
N GLU A 158 17.17 -17.47 3.49
CA GLU A 158 17.39 -18.88 3.15
C GLU A 158 16.05 -19.57 2.98
N SER A 159 16.11 -20.73 2.33
CA SER A 159 14.91 -21.50 1.97
CA SER A 159 14.92 -21.48 2.00
C SER A 159 15.22 -22.97 1.87
N PHE A 160 14.22 -23.78 2.21
CA PHE A 160 14.31 -25.19 1.94
C PHE A 160 12.92 -25.68 1.52
N ASP A 161 12.90 -26.77 0.78
CA ASP A 161 11.68 -27.44 0.35
C ASP A 161 11.31 -28.42 1.46
N LEU A 162 10.11 -28.25 2.01
CA LEU A 162 9.59 -29.05 3.09
C LEU A 162 9.42 -30.54 2.72
N PHE A 163 9.37 -30.88 1.45
CA PHE A 163 9.03 -32.25 1.02
C PHE A 163 9.66 -33.37 1.86
N GLU A 164 10.98 -33.32 2.01
CA GLU A 164 11.72 -34.40 2.68
C GLU A 164 11.84 -34.18 4.20
N TYR A 165 11.23 -33.11 4.73
CA TYR A 165 11.43 -32.79 6.15
C TYR A 165 10.17 -32.62 6.96
N ARG A 166 9.16 -33.46 6.68
CA ARG A 166 7.92 -33.37 7.40
C ARG A 166 7.94 -34.11 8.73
N GLY A 167 6.99 -33.77 9.59
CA GLY A 167 6.87 -34.35 10.92
C GLY A 167 8.11 -34.04 11.73
N GLU A 168 8.58 -35.04 12.48
CA GLU A 168 9.70 -34.86 13.38
C GLU A 168 10.98 -34.46 12.65
N LYS A 169 11.09 -34.81 11.37
CA LYS A 169 12.27 -34.43 10.58
C LYS A 169 12.42 -32.92 10.44
N LEU A 170 11.33 -32.18 10.61
CA LEU A 170 11.38 -30.71 10.51
C LEU A 170 12.28 -30.07 11.57
N ARG A 171 12.32 -30.67 12.76
CA ARG A 171 13.08 -30.07 13.88
C ARG A 171 14.55 -29.91 13.55
N GLU A 172 15.19 -31.01 13.14
CA GLU A 172 16.62 -30.91 12.86
C GLU A 172 16.90 -29.98 11.67
N LYS A 173 16.02 -30.03 10.67
CA LYS A 173 16.22 -29.21 9.49
C LYS A 173 16.09 -27.72 9.84
N LEU A 174 15.03 -27.34 10.54
CA LEU A 174 14.85 -25.94 10.93
C LEU A 174 15.97 -25.47 11.85
N GLU A 175 16.35 -26.32 12.81
CA GLU A 175 17.40 -25.97 13.74
C GLU A 175 18.76 -25.83 13.06
N SER A 176 18.99 -26.52 11.94
CA SER A 176 20.29 -26.38 11.24
C SER A 176 20.50 -24.92 10.82
N TYR A 177 19.42 -24.23 10.48
CA TYR A 177 19.50 -22.80 10.17
C TYR A 177 19.49 -21.92 11.41
N LEU A 178 18.51 -22.13 12.28
CA LEU A 178 18.30 -21.25 13.42
C LEU A 178 19.45 -21.25 14.44
N GLN A 179 20.09 -22.40 14.61
CA GLN A 179 21.15 -22.48 15.60
C GLN A 179 22.41 -21.71 15.23
N THR A 180 22.49 -21.22 13.98
CA THR A 180 23.56 -20.34 13.55
C THR A 180 23.38 -18.97 14.25
N GLY A 181 22.18 -18.68 14.75
CA GLY A 181 21.90 -17.42 15.41
C GLY A 181 21.74 -16.28 14.39
N GLN A 182 21.68 -16.60 13.10
CA GLN A 182 21.65 -15.54 12.08
C GLN A 182 20.31 -15.19 11.44
N PHE A 183 19.22 -15.77 11.91
CA PHE A 183 17.89 -15.46 11.36
C PHE A 183 17.02 -14.65 12.28
N CYS A 184 16.12 -13.85 11.70
CA CYS A 184 15.15 -13.05 12.47
C CYS A 184 13.73 -13.56 12.42
N SER A 185 13.39 -14.24 11.34
CA SER A 185 12.03 -14.66 11.11
C SER A 185 11.91 -15.94 10.29
N ILE A 186 10.70 -16.49 10.31
CA ILE A 186 10.31 -17.68 9.57
C ILE A 186 8.96 -17.40 8.90
N ILE A 187 8.75 -17.83 7.65
CA ILE A 187 7.47 -17.71 7.01
C ILE A 187 7.04 -18.99 6.28
N TYR A 188 5.74 -19.24 6.32
CA TYR A 188 5.09 -20.34 5.61
C TYR A 188 3.62 -19.96 5.48
N SER A 189 2.94 -20.60 4.52
CA SER A 189 1.48 -20.48 4.36
C SER A 189 0.83 -21.81 4.75
N ASN A 190 -0.31 -21.72 5.43
CA ASN A 190 -1.08 -22.90 5.83
C ASN A 190 -2.56 -22.59 5.76
N PRO A 191 -3.30 -23.21 4.82
CA PRO A 191 -2.86 -24.12 3.77
C PRO A 191 -1.88 -23.44 2.85
N ASN A 192 -1.03 -24.27 2.23
CA ASN A 192 0.05 -23.79 1.41
C ASN A 192 -0.25 -23.51 -0.04
N ASN A 193 0.27 -22.37 -0.50
CA ASN A 193 0.38 -22.04 -1.92
C ASN A 193 1.86 -22.35 -2.15
N PRO A 194 2.20 -23.30 -3.05
CA PRO A 194 1.41 -23.97 -4.08
C PRO A 194 0.92 -25.39 -3.84
N THR A 195 1.28 -26.02 -2.73
CA THR A 195 1.06 -27.46 -2.61
C THR A 195 -0.23 -27.89 -1.96
N TRP A 196 -0.88 -26.95 -1.28
CA TRP A 196 -2.07 -27.28 -0.47
C TRP A 196 -1.77 -28.17 0.75
N GLN A 197 -0.49 -28.41 1.03
CA GLN A 197 -0.14 -29.09 2.28
C GLN A 197 -0.59 -28.18 3.45
N CYS A 198 -1.02 -28.82 4.52
CA CYS A 198 -1.41 -28.17 5.75
C CYS A 198 -0.48 -28.67 6.89
N THR A 200 0.92 -29.82 10.17
CA THR A 200 0.35 -30.63 11.24
C THR A 200 0.63 -29.97 12.59
N ASP A 201 -0.13 -30.37 13.60
CA ASP A 201 0.10 -29.90 14.97
CA ASP A 201 0.12 -29.74 14.90
C ASP A 201 1.54 -30.18 15.40
N GLU A 202 2.01 -31.36 15.02
CA GLU A 202 3.35 -31.80 15.38
C GLU A 202 4.41 -30.81 14.83
N GLU A 203 4.24 -30.43 13.57
CA GLU A 203 5.11 -29.47 12.91
C GLU A 203 4.96 -28.06 13.50
N LEU A 204 3.73 -27.61 13.77
CA LEU A 204 3.52 -26.31 14.37
C LEU A 204 4.17 -26.22 15.77
N ARG A 205 4.10 -27.29 16.54
CA ARG A 205 4.75 -27.30 17.86
C ARG A 205 6.26 -27.16 17.71
N ILE A 206 6.84 -27.86 16.75
CA ILE A 206 8.29 -27.75 16.44
C ILE A 206 8.67 -26.30 16.03
N ILE A 207 7.92 -25.72 15.12
CA ILE A 207 8.20 -24.36 14.67
C ILE A 207 8.10 -23.39 15.83
N GLY A 208 7.03 -23.49 16.62
CA GLY A 208 6.81 -22.57 17.74
C GLY A 208 7.87 -22.69 18.81
N GLU A 209 8.19 -23.92 19.15
CA GLU A 209 9.20 -24.17 20.19
C GLU A 209 10.55 -23.64 19.76
N LEU A 210 10.90 -23.89 18.51
CA LEU A 210 12.20 -23.41 17.99
C LEU A 210 12.21 -21.90 17.86
N ALA A 211 11.06 -21.31 17.50
CA ALA A 211 10.98 -19.84 17.38
C ALA A 211 11.21 -19.20 18.76
N THR A 212 10.67 -19.80 19.81
CA THR A 212 10.89 -19.30 21.17
C THR A 212 12.37 -19.51 21.57
N LYS A 213 12.90 -20.69 21.25
CA LYS A 213 14.25 -21.07 21.66
C LYS A 213 15.30 -20.19 21.01
N HIS A 214 15.14 -19.92 19.72
CA HIS A 214 16.11 -19.12 18.95
C HIS A 214 15.74 -17.66 18.77
N ASP A 215 14.67 -17.26 19.44
CA ASP A 215 14.16 -15.89 19.42
C ASP A 215 13.99 -15.33 18.00
N VAL A 216 13.13 -15.98 17.23
CA VAL A 216 12.78 -15.53 15.89
C VAL A 216 11.28 -15.35 15.84
N ILE A 217 10.84 -14.53 14.90
CA ILE A 217 9.42 -14.22 14.76
C ILE A 217 8.83 -15.06 13.63
N VAL A 218 7.71 -15.72 13.91
CA VAL A 218 7.07 -16.54 12.89
C VAL A 218 5.96 -15.77 12.22
N ILE A 219 6.05 -15.63 10.89
CA ILE A 219 4.99 -15.01 10.09
C ILE A 219 4.18 -16.17 9.49
N GLU A 220 2.93 -16.30 9.93
CA GLU A 220 2.04 -17.38 9.47
C GLU A 220 1.05 -16.80 8.53
N ASP A 221 1.17 -17.15 7.26
CA ASP A 221 0.35 -16.62 6.23
C ASP A 221 -0.91 -17.48 6.11
N LEU A 222 -2.00 -16.95 6.67
CA LEU A 222 -3.28 -17.62 6.67
C LEU A 222 -4.18 -17.13 5.53
N ALA A 223 -3.60 -16.96 4.35
CA ALA A 223 -4.38 -16.49 3.21
C ALA A 223 -5.57 -17.41 2.90
N TYR A 224 -5.38 -18.72 3.02
CA TYR A 224 -6.49 -19.66 2.72
C TYR A 224 -7.12 -20.09 4.03
N PHE A 225 -7.40 -19.09 4.86
CA PHE A 225 -7.91 -19.32 6.21
C PHE A 225 -9.06 -20.30 6.28
N GLY A 226 -8.89 -21.35 7.10
CA GLY A 226 -9.95 -22.30 7.37
C GLY A 226 -10.37 -23.16 6.20
N ASP A 228 -8.89 -25.94 4.84
CA ASP A 228 -8.64 -27.39 4.88
C ASP A 228 -10.04 -28.02 5.07
N PHE A 229 -10.62 -28.55 3.99
CA PHE A 229 -11.97 -29.09 4.05
C PHE A 229 -12.08 -30.51 4.59
N ARG A 230 -10.95 -31.07 5.06
CA ARG A 230 -10.95 -32.35 5.75
C ARG A 230 -11.46 -32.16 7.18
N LYS A 231 -11.48 -30.91 7.63
CA LYS A 231 -12.01 -30.55 8.94
C LYS A 231 -13.02 -29.45 8.72
N ASP A 232 -13.68 -29.04 9.80
CA ASP A 232 -14.63 -27.94 9.73
C ASP A 232 -14.22 -26.91 10.78
N TYR A 233 -13.51 -25.89 10.33
CA TYR A 233 -13.08 -24.79 11.18
C TYR A 233 -14.02 -23.57 11.12
N SER A 234 -15.24 -23.74 10.62
CA SER A 234 -16.13 -22.60 10.29
C SER A 234 -17.13 -22.17 11.35
N HIS A 235 -17.17 -22.86 12.48
CA HIS A 235 -18.12 -22.51 13.52
C HIS A 235 -17.43 -21.70 14.64
N PRO A 236 -17.94 -20.50 14.89
CA PRO A 236 -17.25 -19.67 15.86
C PRO A 236 -17.34 -20.15 17.28
N GLY A 237 -16.22 -20.08 18.00
CA GLY A 237 -16.29 -20.29 19.45
C GLY A 237 -16.41 -21.72 19.90
N GLU A 238 -16.18 -22.65 18.99
CA GLU A 238 -16.15 -24.05 19.36
C GLU A 238 -15.16 -24.76 18.48
N PRO A 239 -14.53 -25.82 19.01
CA PRO A 239 -13.57 -26.55 18.17
C PRO A 239 -14.26 -27.35 17.06
N LEU A 240 -13.54 -27.70 16.00
CA LEU A 240 -12.13 -27.39 15.81
C LEU A 240 -11.91 -25.95 15.35
N TYR A 241 -10.73 -25.47 15.68
CA TYR A 241 -10.28 -24.14 15.27
C TYR A 241 -9.15 -24.28 14.25
N GLN A 242 -8.94 -23.25 13.45
CA GLN A 242 -7.81 -23.22 12.50
C GLN A 242 -6.50 -23.46 13.30
N PRO A 243 -5.75 -24.51 12.96
CA PRO A 243 -4.45 -24.73 13.59
C PRO A 243 -3.51 -23.53 13.38
N SER A 244 -2.76 -23.21 14.43
CA SER A 244 -1.85 -22.09 14.39
C SER A 244 -0.63 -22.26 15.29
N VAL A 245 0.50 -21.72 14.82
CA VAL A 245 1.72 -21.68 15.60
C VAL A 245 1.51 -20.84 16.87
N ALA A 246 0.50 -19.97 16.86
CA ALA A 246 0.20 -19.13 18.04
C ALA A 246 -0.10 -19.92 19.30
N ASN A 247 -0.48 -21.19 19.14
CA ASN A 247 -0.68 -22.07 20.28
C ASN A 247 0.64 -22.52 20.92
N TYR A 248 1.75 -22.30 20.21
CA TYR A 248 3.03 -22.85 20.63
C TYR A 248 4.18 -21.88 20.81
N THR A 249 3.93 -20.59 20.60
CA THR A 249 4.94 -19.56 20.82
C THR A 249 4.22 -18.25 20.98
N ASP A 250 4.88 -17.27 21.60
CA ASP A 250 4.38 -15.90 21.63
C ASP A 250 5.00 -15.06 20.51
N ASN A 251 5.95 -15.61 19.77
CA ASN A 251 6.64 -14.84 18.71
C ASN A 251 5.96 -15.04 17.35
N TYR A 252 4.84 -14.37 17.13
CA TYR A 252 4.09 -14.63 15.91
C TYR A 252 3.35 -13.42 15.37
N ILE A 253 3.21 -13.46 14.05
CA ILE A 253 2.41 -12.51 13.28
C ILE A 253 1.52 -13.38 12.40
N LEU A 254 0.20 -13.24 12.54
CA LEU A 254 -0.76 -13.99 11.74
C LEU A 254 -1.31 -13.08 10.65
N ALA A 255 -1.01 -13.41 9.40
CA ALA A 255 -1.45 -12.63 8.24
C ALA A 255 -2.78 -13.18 7.71
N LEU A 256 -3.84 -12.39 7.82
CA LEU A 256 -5.16 -12.78 7.37
C LEU A 256 -5.61 -11.92 6.21
N SER A 257 -5.70 -12.53 5.05
CA SER A 257 -6.12 -11.89 3.85
C SER A 257 -7.63 -12.01 3.69
N SER A 258 -8.28 -11.04 3.05
CA SER A 258 -9.70 -11.21 2.64
C SER A 258 -9.79 -11.84 1.24
N SER A 259 -8.65 -11.97 0.56
CA SER A 259 -8.70 -12.25 -0.89
C SER A 259 -9.22 -13.59 -1.34
N ALA A 261 -10.48 -16.45 1.20
CA ALA A 261 -11.56 -16.97 2.05
C ALA A 261 -12.80 -16.12 1.93
N PHE A 262 -12.65 -14.87 1.49
CA PHE A 262 -13.75 -13.97 1.33
C PHE A 262 -13.87 -13.40 -0.09
N SER A 263 -13.22 -14.03 -1.07
CA SER A 263 -13.33 -13.66 -2.45
C SER A 263 -13.30 -12.12 -2.66
N TYR A 264 -12.34 -11.47 -2.00
CA TYR A 264 -12.32 -9.99 -1.90
C TYR A 264 -10.98 -9.39 -2.38
N ALA A 265 -10.31 -10.14 -3.26
CA ALA A 265 -8.97 -9.81 -3.74
C ALA A 265 -8.85 -8.40 -4.34
N GLY A 266 -9.87 -7.97 -5.06
CA GLY A 266 -9.85 -6.66 -5.72
C GLY A 266 -9.79 -5.50 -4.75
N GLN A 267 -10.32 -5.69 -3.54
CA GLN A 267 -10.40 -4.56 -2.61
C GLN A 267 -9.13 -4.31 -1.76
N ARG A 268 -8.12 -5.15 -1.93
CA ARG A 268 -6.83 -4.95 -1.31
C ARG A 268 -6.95 -4.64 0.19
N ILE A 269 -7.47 -5.62 0.94
CA ILE A 269 -7.68 -5.46 2.36
C ILE A 269 -7.36 -6.80 3.08
N GLY A 270 -6.55 -6.68 4.14
CA GLY A 270 -6.22 -7.79 5.03
C GLY A 270 -5.94 -7.21 6.40
N VAL A 271 -5.57 -8.08 7.32
CA VAL A 271 -5.22 -7.67 8.67
CA VAL A 271 -5.20 -7.65 8.65
C VAL A 271 -4.09 -8.53 9.20
N LEU A 272 -3.10 -7.90 9.84
CA LEU A 272 -2.06 -8.65 10.56
C LEU A 272 -2.58 -8.74 12.01
N ILE A 274 -1.17 -9.54 15.29
CA ILE A 274 0.16 -9.68 15.87
C ILE A 274 0.09 -10.12 17.34
N SER A 275 0.90 -11.09 17.72
CA SER A 275 0.97 -11.48 19.13
C SER A 275 0.99 -10.22 20.02
N GLY A 276 0.14 -10.16 21.04
CA GLY A 276 0.09 -8.96 21.90
C GLY A 276 1.42 -8.72 22.60
N LYS A 277 2.02 -9.78 23.12
CA LYS A 277 3.32 -9.67 23.77
C LYS A 277 4.38 -9.16 22.78
N LEU A 278 4.35 -9.67 21.56
CA LEU A 278 5.30 -9.19 20.53
C LEU A 278 5.07 -7.72 20.22
N TYR A 279 3.80 -7.34 20.06
CA TYR A 279 3.43 -5.97 19.75
C TYR A 279 4.08 -4.97 20.73
N GLU A 280 4.10 -5.32 22.01
CA GLU A 280 4.67 -4.43 23.02
C GLU A 280 6.15 -4.58 23.23
N ARG A 281 6.76 -5.58 22.62
CA ARG A 281 8.16 -5.86 22.91
C ARG A 281 9.09 -4.76 22.36
N GLU A 282 10.02 -4.34 23.22
CA GLU A 282 11.01 -3.32 22.89
C GLU A 282 12.22 -3.91 22.18
N TYR A 283 12.57 -3.33 21.03
CA TYR A 283 13.72 -3.74 20.27
C TYR A 283 14.53 -2.48 19.96
N PRO A 284 15.62 -2.26 20.68
CA PRO A 284 16.50 -1.12 20.46
C PRO A 284 16.91 -0.90 19.00
N ASP A 285 17.08 -1.98 18.24
CA ASP A 285 17.55 -1.87 16.86
C ASP A 285 16.55 -1.30 15.86
N LEU A 286 15.27 -1.22 16.25
CA LEU A 286 14.21 -0.58 15.44
C LEU A 286 14.23 0.95 15.51
N GLU A 287 14.82 1.53 16.55
CA GLU A 287 14.71 2.98 16.72
C GLU A 287 15.35 3.80 15.61
N GLU A 288 16.50 3.38 15.14
CA GLU A 288 17.23 4.19 14.16
C GLU A 288 16.39 4.45 12.90
N SER A 289 15.83 3.40 12.34
CA SER A 289 15.10 3.54 11.09
C SER A 289 13.61 3.81 11.23
N PHE A 290 13.01 3.49 12.36
CA PHE A 290 11.56 3.66 12.55
C PHE A 290 11.15 4.76 13.53
N GLY A 291 12.05 5.14 14.43
CA GLY A 291 11.74 6.15 15.43
C GLY A 291 10.81 5.64 16.52
N ARG A 292 10.66 4.32 16.64
CA ARG A 292 9.87 3.68 17.69
C ARG A 292 10.68 2.48 18.19
N LEU A 293 10.43 2.14 19.46
CA LEU A 293 11.08 1.03 20.15
C LEU A 293 10.20 -0.20 20.20
N ARG A 294 8.91 -0.02 20.50
CA ARG A 294 8.01 -1.18 20.53
CA ARG A 294 8.01 -1.17 20.54
C ARG A 294 7.72 -1.71 19.11
N PHE A 295 7.84 -3.02 18.94
CA PHE A 295 7.63 -3.67 17.65
C PHE A 295 6.38 -3.21 16.94
N GLY A 296 5.26 -3.25 17.66
CA GLY A 296 3.96 -2.89 17.11
C GLY A 296 3.84 -1.45 16.68
N GLU A 297 4.44 -0.55 17.44
CA GLU A 297 4.43 0.87 17.13
C GLU A 297 5.33 1.13 15.90
N ALA A 298 6.49 0.46 15.84
CA ALA A 298 7.39 0.56 14.66
C ALA A 298 6.65 0.08 13.41
N LEU A 299 5.91 -1.04 13.52
CA LEU A 299 5.20 -1.59 12.37
C LEU A 299 3.97 -0.78 11.97
N SER A 300 3.11 -0.44 12.93
CA SER A 300 1.84 0.25 12.61
C SER A 300 1.94 1.76 12.55
N SER A 301 2.48 2.38 13.59
CA SER A 301 2.51 3.86 13.64
C SER A 301 3.59 4.53 12.80
N SER A 302 4.65 3.78 12.50
CA SER A 302 5.72 4.31 11.70
C SER A 302 5.73 3.69 10.30
N ALA A 303 6.04 2.40 10.19
CA ALA A 303 6.23 1.75 8.90
C ALA A 303 4.97 1.76 8.04
N LEU A 304 3.83 1.25 8.52
CA LEU A 304 2.62 1.23 7.66
C LEU A 304 2.13 2.59 7.30
N TYR A 305 2.25 3.52 8.23
CA TYR A 305 1.81 4.85 7.94
CA TYR A 305 1.90 4.91 8.04
C TYR A 305 2.67 5.45 6.84
N ALA A 306 3.98 5.23 6.87
CA ALA A 306 4.84 5.70 5.78
C ALA A 306 4.59 4.98 4.44
N LEU A 307 4.19 3.70 4.52
CA LEU A 307 3.97 2.90 3.30
C LEU A 307 2.76 3.35 2.50
N SER A 308 1.68 3.71 3.15
CA SER A 308 0.46 4.15 2.44
C SER A 308 -0.53 4.99 3.23
N SER A 309 -0.21 5.37 4.47
CA SER A 309 -1.16 6.08 5.31
C SER A 309 -2.53 5.41 5.36
N GLY A 310 -2.51 4.10 5.51
CA GLY A 310 -3.68 3.25 5.71
C GLY A 310 -4.17 2.48 4.50
N ALA A 311 -5.23 1.75 4.71
CA ALA A 311 -5.89 0.96 3.66
C ALA A 311 -7.23 1.68 3.37
N THR A 312 -7.75 1.46 2.16
CA THR A 312 -9.00 2.09 1.69
C THR A 312 -10.10 1.96 2.73
N HIS A 313 -10.69 3.09 3.10
CA HIS A 313 -11.63 3.18 4.21
C HIS A 313 -12.84 2.30 4.01
N SER A 314 -13.41 2.34 2.81
CA SER A 314 -14.61 1.52 2.55
C SER A 314 -14.27 0.03 2.61
N ALA A 315 -13.08 -0.35 2.15
CA ALA A 315 -12.67 -1.73 2.15
C ALA A 315 -12.46 -2.25 3.57
N GLN A 316 -11.97 -1.37 4.46
CA GLN A 316 -11.82 -1.77 5.86
C GLN A 316 -13.18 -2.09 6.46
N TRP A 317 -14.18 -1.28 6.10
CA TRP A 317 -15.57 -1.53 6.52
C TRP A 317 -16.10 -2.83 5.94
N GLY A 318 -15.80 -3.09 4.67
CA GLY A 318 -16.23 -4.35 4.05
C GLY A 318 -15.68 -5.57 4.76
N ALA A 320 -14.51 -5.63 7.85
CA ALA A 320 -15.01 -5.67 9.21
C ALA A 320 -16.38 -6.34 9.28
N ALA A 321 -17.25 -6.06 8.31
CA ALA A 321 -18.62 -6.61 8.28
C ALA A 321 -18.61 -8.10 8.00
N LEU A 323 -16.02 -10.20 8.69
CA LEU A 323 -15.52 -10.87 9.91
C LEU A 323 -16.62 -10.91 10.97
N LYS A 324 -17.31 -9.78 11.14
CA LYS A 324 -18.38 -9.70 12.13
C LYS A 324 -19.47 -10.74 11.88
N ALA A 325 -19.85 -10.92 10.63
CA ALA A 325 -20.91 -11.85 10.27
C ALA A 325 -20.43 -13.29 10.56
N CYS A 326 -19.13 -13.58 10.33
CA CYS A 326 -18.60 -14.88 10.70
C CYS A 326 -18.66 -15.05 12.22
N ASN A 327 -18.14 -14.05 12.94
CA ASN A 327 -18.09 -14.07 14.39
C ASN A 327 -19.48 -14.26 15.03
N ASP A 328 -20.47 -13.58 14.47
CA ASP A 328 -21.85 -13.60 14.98
C ASP A 328 -22.67 -14.83 14.51
N GLY A 329 -22.08 -15.65 13.67
CA GLY A 329 -22.74 -16.84 13.13
C GLY A 329 -23.76 -16.56 12.05
N GLU A 330 -23.68 -15.37 11.45
CA GLU A 330 -24.63 -14.98 10.39
CA GLU A 330 -24.63 -14.98 10.39
C GLU A 330 -24.16 -15.33 8.97
N TYR A 331 -22.86 -15.55 8.80
CA TYR A 331 -22.28 -15.93 7.53
C TYR A 331 -21.33 -17.06 7.82
N ASN A 332 -21.29 -18.04 6.95
CA ASN A 332 -20.33 -19.16 7.05
C ASN A 332 -19.42 -19.09 5.85
N PHE A 333 -18.16 -18.73 6.07
CA PHE A 333 -17.24 -18.53 4.96
C PHE A 333 -16.94 -19.83 4.23
N ARG A 334 -16.93 -20.93 4.98
CA ARG A 334 -16.58 -22.25 4.40
C ARG A 334 -17.66 -22.74 3.46
N ASP A 335 -18.91 -22.43 3.75
CA ASP A 335 -19.97 -22.91 2.89
C ASP A 335 -19.85 -22.41 1.45
N SER A 336 -19.24 -21.27 1.22
CA SER A 336 -19.05 -20.80 -0.16
CA SER A 336 -19.03 -20.77 -0.13
C SER A 336 -17.80 -21.44 -0.79
N VAL A 337 -16.69 -21.31 -0.13
CA VAL A 337 -15.41 -21.72 -0.71
C VAL A 337 -15.19 -23.24 -0.78
N ILE A 338 -16.05 -24.00 -0.12
CA ILE A 338 -15.94 -25.47 -0.20
C ILE A 338 -16.16 -25.93 -1.63
N GLU A 339 -16.74 -25.07 -2.47
CA GLU A 339 -16.90 -25.37 -3.89
C GLU A 339 -15.52 -25.71 -4.50
N TYR A 340 -14.47 -25.03 -4.05
CA TYR A 340 -13.11 -25.35 -4.56
C TYR A 340 -12.74 -26.79 -4.32
N GLY A 341 -13.14 -27.30 -3.15
CA GLY A 341 -12.87 -28.69 -2.82
C GLY A 341 -13.67 -29.66 -3.67
N ARG A 342 -14.94 -29.32 -3.94
CA ARG A 342 -15.74 -30.16 -4.84
C ARG A 342 -15.04 -30.28 -6.21
N LYS A 343 -14.57 -29.14 -6.73
CA LYS A 343 -13.87 -29.13 -8.02
C LYS A 343 -12.54 -29.90 -7.98
N ALA A 344 -11.79 -29.73 -6.91
CA ALA A 344 -10.55 -30.47 -6.70
C ALA A 344 -10.77 -31.95 -6.76
N ARG A 345 -11.79 -32.44 -6.09
CA ARG A 345 -12.03 -33.88 -6.08
CA ARG A 345 -12.08 -33.88 -6.07
C ARG A 345 -12.22 -34.41 -7.50
N ILE A 346 -13.02 -33.70 -8.28
CA ILE A 346 -13.30 -34.10 -9.65
C ILE A 346 -12.05 -33.99 -10.50
N LYS A 348 -8.80 -33.83 -9.58
CA LYS A 348 -7.76 -34.77 -9.23
C LYS A 348 -7.99 -36.11 -9.92
N LYS A 349 -9.23 -36.57 -9.88
CA LYS A 349 -9.55 -37.88 -10.47
C LYS A 349 -9.28 -37.92 -11.99
N PHE A 351 -6.95 -36.20 -13.51
CA PHE A 351 -5.50 -36.32 -13.70
C PHE A 351 -5.04 -37.76 -13.42
N LEU A 352 -5.49 -38.32 -12.30
CA LEU A 352 -5.08 -39.67 -11.91
C LEU A 352 -5.63 -40.78 -12.82
N ASP A 353 -6.79 -40.57 -13.44
CA ASP A 353 -7.33 -41.52 -14.41
C ASP A 353 -6.52 -41.48 -15.73
N ASN A 354 -5.69 -40.46 -15.88
CA ASN A 354 -4.93 -40.24 -17.09
C ASN A 354 -3.42 -40.16 -16.90
N GLY A 355 -2.91 -41.02 -16.03
CA GLY A 355 -1.47 -41.24 -15.88
C GLY A 355 -0.65 -40.39 -14.93
N PHE A 356 -1.30 -39.39 -14.31
CA PHE A 356 -0.61 -38.50 -13.40
C PHE A 356 -0.54 -39.05 -12.00
N ASN A 357 0.37 -38.50 -11.20
CA ASN A 357 0.39 -38.76 -9.76
C ASN A 357 0.39 -37.44 -9.00
N ILE A 358 -0.15 -37.42 -7.77
CA ILE A 358 -0.09 -36.23 -6.94
CA ILE A 358 -0.10 -36.25 -6.90
C ILE A 358 1.30 -36.20 -6.29
N VAL A 359 2.02 -35.07 -6.43
CA VAL A 359 3.40 -34.98 -5.94
C VAL A 359 3.51 -34.75 -4.44
N TYR A 360 2.97 -33.64 -3.97
CA TYR A 360 2.89 -33.36 -2.53
C TYR A 360 1.50 -33.95 -2.16
N ASP A 361 1.51 -35.24 -1.76
CA ASP A 361 0.30 -36.00 -1.62
C ASP A 361 -0.27 -36.24 -0.23
N LYS A 362 0.46 -35.87 0.82
CA LYS A 362 0.06 -36.19 2.18
C LYS A 362 0.55 -35.18 3.21
N ASP A 363 -0.23 -35.06 4.29
CA ASP A 363 0.14 -34.35 5.50
C ASP A 363 0.20 -35.49 6.53
N GLY A 364 1.39 -35.84 6.98
CA GLY A 364 1.51 -37.00 7.88
C GLY A 364 1.08 -38.21 7.09
N ASN A 365 0.12 -38.94 7.62
CA ASN A 365 -0.42 -40.09 6.91
C ASN A 365 -1.74 -39.77 6.19
N GLU A 366 -2.16 -38.51 6.22
CA GLU A 366 -3.48 -38.19 5.68
C GLU A 366 -3.34 -37.67 4.27
N PRO A 367 -4.13 -38.23 3.37
CA PRO A 367 -4.09 -37.68 2.01
C PRO A 367 -4.37 -36.18 1.99
N LEU A 368 -3.72 -35.51 1.08
CA LEU A 368 -3.90 -34.07 0.84
C LEU A 368 -5.40 -33.68 0.72
N ALA A 369 -5.79 -32.58 1.36
CA ALA A 369 -7.15 -32.07 1.24
C ALA A 369 -7.49 -31.73 -0.22
N ASP A 370 -8.79 -31.71 -0.50
CA ASP A 370 -9.35 -31.25 -1.75
C ASP A 370 -9.58 -29.76 -1.54
N GLY A 371 -8.86 -28.93 -2.31
CA GLY A 371 -9.00 -27.47 -2.15
C GLY A 371 -8.61 -26.64 -3.34
N PHE A 372 -7.97 -25.51 -3.05
CA PHE A 372 -7.71 -24.47 -4.04
C PHE A 372 -6.62 -24.86 -5.01
N TYR A 373 -5.62 -25.62 -4.54
CA TYR A 373 -4.55 -26.09 -5.37
C TYR A 373 -4.29 -27.58 -5.13
N PHE A 374 -3.57 -28.19 -6.07
CA PHE A 374 -2.89 -29.47 -5.83
C PHE A 374 -1.78 -29.58 -6.87
N THR A 375 -0.80 -30.45 -6.58
CA THR A 375 0.34 -30.65 -7.47
C THR A 375 0.28 -31.98 -8.17
N VAL A 376 0.68 -32.00 -9.44
CA VAL A 376 0.71 -33.22 -10.20
C VAL A 376 2.04 -33.37 -10.91
N GLY A 377 2.35 -34.63 -11.22
CA GLY A 377 3.56 -35.01 -11.98
C GLY A 377 3.10 -36.06 -13.00
N TYR A 378 3.91 -36.25 -14.03
CA TYR A 378 3.60 -37.14 -15.12
C TYR A 378 4.85 -37.94 -15.46
N LYS A 379 4.90 -39.20 -14.96
CA LYS A 379 6.06 -40.06 -15.23
C LYS A 379 7.41 -39.48 -14.79
N GLY A 380 7.40 -38.62 -13.77
CA GLY A 380 8.61 -37.93 -13.33
C GLY A 380 9.26 -36.99 -14.38
N ASP A 382 10.49 -33.77 -16.40
CA ASP A 382 10.82 -32.43 -15.93
C ASP A 382 9.64 -31.50 -16.26
N SER A 383 9.29 -30.63 -15.33
CA SER A 383 8.14 -29.71 -15.51
C SER A 383 8.28 -28.75 -16.71
N SER A 384 9.51 -28.44 -17.14
CA SER A 384 9.67 -27.58 -18.36
C SER A 384 9.18 -28.37 -19.59
N LYS A 385 9.38 -29.69 -19.58
CA LYS A 385 8.87 -30.57 -20.62
C LYS A 385 7.35 -30.81 -20.48
N LEU A 386 6.86 -30.97 -19.25
CA LEU A 386 5.46 -31.19 -19.05
C LEU A 386 4.62 -29.97 -19.41
N ILE A 387 5.11 -28.77 -19.07
CA ILE A 387 4.34 -27.54 -19.38
C ILE A 387 4.18 -27.43 -20.92
N GLU A 388 5.22 -27.79 -21.67
CA GLU A 388 5.15 -27.76 -23.15
CA GLU A 388 5.14 -27.74 -23.14
C GLU A 388 4.08 -28.75 -23.61
N LYS A 389 4.04 -29.92 -22.95
CA LYS A 389 3.05 -30.96 -23.26
C LYS A 389 1.64 -30.44 -22.92
N PHE A 390 1.48 -29.76 -21.77
CA PHE A 390 0.16 -29.16 -21.45
C PHE A 390 -0.30 -28.20 -22.55
N VAL A 391 0.56 -27.26 -22.91
CA VAL A 391 0.24 -26.24 -23.92
C VAL A 391 -0.11 -26.87 -25.27
N ARG A 392 0.61 -27.91 -25.68
CA ARG A 392 0.30 -28.60 -26.93
CA ARG A 392 0.29 -28.60 -26.94
C ARG A 392 -1.10 -29.21 -26.89
N TYR A 393 -1.56 -29.58 -25.68
CA TYR A 393 -2.88 -30.16 -25.49
C TYR A 393 -3.89 -29.20 -24.91
N GLY A 394 -3.68 -27.89 -25.14
CA GLY A 394 -4.66 -26.89 -24.70
C GLY A 394 -4.97 -26.79 -23.24
N CYS A 396 -3.23 -25.05 -19.49
CA CYS A 396 -2.29 -24.16 -18.88
C CYS A 396 -2.31 -24.34 -17.36
N ALA A 397 -1.11 -24.43 -16.81
CA ALA A 397 -0.85 -24.48 -15.35
C ALA A 397 0.57 -24.01 -15.16
N ILE A 398 1.01 -23.81 -13.93
CA ILE A 398 2.39 -23.38 -13.68
C ILE A 398 3.26 -24.51 -13.15
N THR A 399 4.55 -24.37 -13.35
CA THR A 399 5.49 -25.31 -12.72
C THR A 399 5.73 -24.82 -11.28
N LEU A 400 6.50 -25.58 -10.51
CA LEU A 400 6.88 -25.17 -9.18
C LEU A 400 8.32 -24.59 -9.15
N LYS A 401 8.93 -24.40 -10.31
CA LYS A 401 10.32 -23.96 -10.40
C LYS A 401 10.69 -22.62 -9.75
N THR A 402 9.73 -21.71 -9.57
CA THR A 402 10.03 -20.45 -8.92
C THR A 402 9.41 -20.39 -7.50
N THR A 403 9.05 -21.54 -6.94
CA THR A 403 8.45 -21.59 -5.63
C THR A 403 9.36 -22.04 -4.50
N GLY A 404 10.59 -22.43 -4.83
CA GLY A 404 11.48 -23.02 -3.85
C GLY A 404 11.40 -24.57 -3.77
N SER A 405 10.48 -25.13 -4.53
CA SER A 405 10.38 -26.58 -4.61
C SER A 405 11.55 -27.13 -5.37
N LYS A 406 12.07 -28.25 -4.91
CA LYS A 406 13.10 -28.98 -5.67
C LYS A 406 12.43 -30.19 -6.38
N ARG A 407 11.10 -30.27 -6.34
CA ARG A 407 10.36 -31.33 -7.05
C ARG A 407 10.16 -30.82 -8.49
N ASN A 408 11.18 -31.02 -9.29
CA ASN A 408 11.18 -30.50 -10.64
C ASN A 408 10.22 -31.15 -11.62
N GLU A 409 9.53 -32.21 -11.21
CA GLU A 409 8.50 -32.83 -12.02
C GLU A 409 7.12 -32.17 -11.79
N ALA A 410 7.00 -31.35 -10.74
CA ALA A 410 5.67 -30.87 -10.30
C ALA A 410 5.13 -29.64 -11.00
N ARG A 412 1.64 -27.02 -10.54
CA ARG A 412 0.55 -26.61 -9.65
C ARG A 412 -0.72 -26.43 -10.49
N ILE A 413 -1.78 -27.10 -10.05
CA ILE A 413 -3.09 -27.00 -10.62
C ILE A 413 -3.96 -26.17 -9.66
N CYS A 414 -4.62 -25.13 -10.16
CA CYS A 414 -5.58 -24.35 -9.36
C CYS A 414 -6.99 -24.74 -9.82
N THR A 415 -7.90 -24.81 -8.87
CA THR A 415 -9.22 -25.25 -9.16
C THR A 415 -10.22 -24.09 -9.23
N SER A 416 -9.71 -22.87 -9.13
CA SER A 416 -10.61 -21.74 -8.99
C SER A 416 -11.37 -21.31 -10.24
N LEU A 417 -10.64 -20.87 -11.27
CA LEU A 417 -11.35 -20.30 -12.45
C LEU A 417 -11.90 -21.28 -13.49
N LEU A 418 -11.34 -22.46 -13.58
CA LEU A 418 -11.72 -23.37 -14.67
C LEU A 418 -13.22 -23.67 -14.58
N PRO A 419 -13.99 -23.25 -15.60
CA PRO A 419 -15.44 -23.51 -15.49
C PRO A 419 -15.77 -24.98 -15.62
N GLU A 420 -16.80 -25.38 -14.91
CA GLU A 420 -17.23 -26.76 -14.92
C GLU A 420 -17.62 -27.17 -16.36
N SER A 421 -18.09 -26.23 -17.17
CA SER A 421 -18.45 -26.52 -18.56
C SER A 421 -17.23 -27.00 -19.35
N GLN A 422 -16.01 -26.68 -18.89
CA GLN A 422 -14.77 -27.13 -19.52
C GLN A 422 -14.23 -28.42 -18.93
N PHE A 423 -14.83 -28.92 -17.87
CA PHE A 423 -14.36 -30.20 -17.34
C PHE A 423 -14.27 -31.32 -18.40
N PRO A 424 -15.28 -31.45 -19.30
CA PRO A 424 -15.13 -32.51 -20.33
C PRO A 424 -13.96 -32.27 -21.29
N ASP A 425 -13.64 -30.99 -21.57
CA ASP A 425 -12.50 -30.62 -22.42
C ASP A 425 -11.20 -31.03 -21.69
N LEU A 426 -11.09 -30.73 -20.40
CA LEU A 426 -9.93 -31.14 -19.62
C LEU A 426 -9.73 -32.64 -19.66
N GLU A 427 -10.81 -33.36 -19.49
CA GLU A 427 -10.74 -34.81 -19.54
C GLU A 427 -10.29 -35.31 -20.92
N LYS A 428 -10.87 -34.78 -21.99
CA LYS A 428 -10.47 -35.17 -23.36
C LYS A 428 -8.98 -34.89 -23.60
N ARG A 429 -8.54 -33.71 -23.15
CA ARG A 429 -7.17 -33.29 -23.37
C ARG A 429 -6.18 -34.12 -22.57
N LEU A 430 -6.54 -34.49 -21.33
CA LEU A 430 -5.69 -35.36 -20.51
C LEU A 430 -5.61 -36.78 -21.11
N GLN A 431 -6.72 -37.27 -21.65
CA GLN A 431 -6.74 -38.55 -22.38
C GLN A 431 -5.78 -38.51 -23.55
N LEU A 433 -3.21 -36.40 -24.05
CA LEU A 433 -1.84 -36.25 -23.54
C LEU A 433 -1.29 -37.60 -23.11
N ASN A 434 -2.11 -38.34 -22.36
CA ASN A 434 -1.68 -39.65 -21.86
C ASN A 434 -1.46 -40.68 -22.96
N ALA A 435 -2.31 -40.64 -23.98
CA ALA A 435 -2.22 -41.54 -25.13
C ALA A 435 -0.90 -41.30 -25.85
N GLU A 436 -0.50 -40.04 -25.94
CA GLU A 436 0.80 -39.72 -26.52
C GLU A 436 1.91 -40.28 -25.59
N GLY A 437 1.76 -39.98 -24.32
CA GLY A 437 2.62 -40.53 -23.28
C GLY A 437 4.01 -39.93 -23.15
N ASN B 3 -15.26 29.81 30.11
CA ASN B 3 -14.73 30.93 29.27
C ASN B 3 -13.18 31.00 29.22
N PHE B 4 -12.63 32.11 28.73
CA PHE B 4 -11.20 32.23 28.44
C PHE B 4 -10.50 33.36 29.19
N PRO B 5 -9.21 33.19 29.49
CA PRO B 5 -8.38 32.03 29.15
C PRO B 5 -8.63 30.82 30.03
N ILE B 6 -8.34 29.65 29.47
CA ILE B 6 -8.48 28.40 30.20
C ILE B 6 -7.41 28.32 31.29
N ASP B 7 -7.83 27.79 32.44
CA ASP B 7 -6.94 27.66 33.59
C ASP B 7 -5.59 27.02 33.21
N GLU B 8 -4.48 27.70 33.52
CA GLU B 8 -3.13 27.22 33.24
C GLU B 8 -2.83 25.86 33.89
N LYS B 9 -3.34 25.65 35.11
CA LYS B 9 -3.09 24.41 35.85
C LYS B 9 -3.72 23.20 35.14
N LEU B 10 -4.98 23.35 34.72
CA LEU B 10 -5.72 22.32 33.99
C LEU B 10 -4.95 21.93 32.74
N ILE B 11 -4.49 22.93 32.01
CA ILE B 11 -3.71 22.67 30.79
C ILE B 11 -2.42 21.90 31.08
N ARG B 12 -1.64 22.33 32.07
CA ARG B 12 -0.44 21.55 32.48
C ARG B 12 -0.76 20.09 32.82
N GLU B 13 -1.87 19.90 33.54
CA GLU B 13 -2.30 18.58 34.00
C GLU B 13 -2.63 17.67 32.85
N LYS B 14 -3.41 18.20 31.90
CA LYS B 14 -3.75 17.42 30.70
C LYS B 14 -2.52 17.12 29.85
N GLN B 15 -1.58 18.07 29.75
CA GLN B 15 -0.35 17.81 29.04
C GLN B 15 0.47 16.70 29.72
N ASN B 16 0.55 16.76 31.04
CA ASN B 16 1.28 15.75 31.81
C ASN B 16 0.70 14.36 31.60
N GLU B 17 -0.63 14.27 31.58
CA GLU B 17 -1.34 13.02 31.35
CA GLU B 17 -1.32 13.00 31.37
C GLU B 17 -0.91 12.41 30.02
N LEU B 18 -0.65 13.26 29.03
CA LEU B 18 -0.22 12.82 27.70
C LEU B 18 1.31 12.77 27.54
N HIS B 19 2.01 13.08 28.61
CA HIS B 19 3.51 13.11 28.64
C HIS B 19 4.10 14.15 27.66
N ILE B 20 3.37 15.22 27.42
CA ILE B 20 3.84 16.29 26.54
C ILE B 20 4.78 17.25 27.32
N LYS B 21 6.03 17.37 26.87
CA LYS B 21 7.03 18.27 27.47
C LYS B 21 7.12 19.63 26.77
N ASP B 22 7.01 19.63 25.45
CA ASP B 22 7.07 20.85 24.62
C ASP B 22 5.90 20.73 23.68
N LEU B 23 4.86 21.54 23.89
CA LEU B 23 3.63 21.46 23.09
C LEU B 23 3.90 21.71 21.61
N GLY B 24 4.93 22.52 21.34
CA GLY B 24 5.32 22.81 19.95
C GLY B 24 5.89 21.61 19.19
N ALA B 26 4.59 18.41 20.16
CA ALA B 26 3.67 17.26 20.42
C ALA B 26 3.25 16.69 19.07
N SER B 27 3.05 15.38 19.03
CA SER B 27 2.60 14.73 17.83
C SER B 27 1.16 15.21 17.57
N ILE B 28 0.70 15.06 16.33
CA ILE B 28 -0.66 15.47 16.01
C ILE B 28 -1.67 14.68 16.86
N ARG B 29 -1.46 13.37 17.07
CA ARG B 29 -2.47 12.67 17.88
C ARG B 29 -2.48 13.15 19.31
N ASP B 30 -1.32 13.45 19.89
CA ASP B 30 -1.27 14.00 21.26
C ASP B 30 -1.88 15.42 21.38
N LEU B 31 -1.66 16.24 20.36
CA LEU B 31 -2.24 17.59 20.35
C LEU B 31 -3.75 17.49 20.25
N VAL B 32 -4.23 16.61 19.39
CA VAL B 32 -5.66 16.42 19.24
C VAL B 32 -6.28 15.88 20.53
N ALA B 33 -5.63 14.91 21.17
CA ALA B 33 -6.13 14.36 22.43
C ALA B 33 -6.20 15.46 23.51
N LEU B 34 -5.16 16.31 23.56
CA LEU B 34 -5.12 17.39 24.54
C LEU B 34 -6.32 18.32 24.41
N VAL B 35 -6.56 18.79 23.17
CA VAL B 35 -7.66 19.69 22.89
C VAL B 35 -9.01 19.04 23.16
N THR B 36 -9.14 17.79 22.73
CA THR B 36 -10.36 17.03 22.97
C THR B 36 -10.63 16.88 24.47
N ASN B 37 -9.59 16.58 25.24
CA ASN B 37 -9.71 16.47 26.70
C ASN B 37 -10.06 17.81 27.34
N LEU B 38 -9.47 18.89 26.83
CA LEU B 38 -9.79 20.23 27.33
C LEU B 38 -11.21 20.66 26.98
N GLU B 39 -11.67 20.33 25.78
CA GLU B 39 -13.06 20.64 25.39
C GLU B 39 -14.00 19.97 26.37
N LYS B 40 -13.80 18.69 26.59
CA LYS B 40 -14.65 17.97 27.59
C LYS B 40 -14.54 18.57 28.99
N ALA B 41 -13.32 18.86 29.45
CA ALA B 41 -13.17 19.37 30.82
C ALA B 41 -13.76 20.76 31.02
N THR B 42 -13.73 21.58 29.98
CA THR B 42 -14.20 22.96 30.12
C THR B 42 -15.57 23.22 29.54
N GLY B 43 -16.13 22.27 28.79
CA GLY B 43 -17.41 22.48 28.10
C GLY B 43 -17.34 23.52 26.98
N THR B 44 -16.15 23.78 26.46
CA THR B 44 -16.02 24.76 25.37
C THR B 44 -15.78 23.97 24.09
N LYS B 45 -16.02 24.62 22.96
CA LYS B 45 -15.72 24.02 21.68
C LYS B 45 -14.54 24.86 21.17
N PHE B 46 -13.40 24.23 20.96
CA PHE B 46 -12.25 24.93 20.40
C PHE B 46 -12.46 25.24 18.91
N CYS B 47 -11.73 26.25 18.41
CA CYS B 47 -11.62 26.53 16.97
C CYS B 47 -10.45 25.66 16.52
N ARG B 48 -10.76 24.50 15.95
CA ARG B 48 -9.75 23.50 15.59
CA ARG B 48 -9.74 23.51 15.59
C ARG B 48 -9.31 23.65 14.15
N GLU B 50 -6.11 22.56 13.08
CA GLU B 50 -4.88 21.75 13.01
C GLU B 50 -4.85 20.63 11.94
N GLY B 52 -5.06 18.93 8.42
CA GLY B 52 -4.96 19.16 7.01
C GLY B 52 -5.62 18.02 6.24
N VAL B 53 -6.94 17.98 6.31
CA VAL B 53 -7.77 16.89 5.74
C VAL B 53 -8.99 17.50 5.05
N PRO B 54 -9.63 16.73 4.17
CA PRO B 54 -10.79 17.28 3.45
C PRO B 54 -11.93 17.75 4.36
N GLY B 55 -12.55 18.88 4.00
CA GLY B 55 -13.70 19.39 4.77
C GLY B 55 -14.97 19.43 3.93
N LEU B 56 -14.89 18.83 2.75
CA LEU B 56 -15.96 18.77 1.78
C LEU B 56 -16.31 17.28 1.52
N PRO B 57 -17.54 17.00 1.10
CA PRO B 57 -17.90 15.60 0.81
C PRO B 57 -17.23 15.05 -0.45
N ALA B 58 -17.03 13.73 -0.50
CA ALA B 58 -16.50 13.09 -1.71
C ALA B 58 -17.45 13.38 -2.87
N PRO B 59 -16.95 13.67 -4.09
CA PRO B 59 -17.79 13.93 -5.28
C PRO B 59 -18.66 12.75 -5.64
N GLN B 60 -19.93 13.03 -5.94
CA GLN B 60 -20.87 11.97 -6.23
CA GLN B 60 -20.90 12.00 -6.25
C GLN B 60 -20.43 11.09 -7.40
N ILE B 61 -19.75 11.65 -8.41
CA ILE B 61 -19.25 10.88 -9.56
CA ILE B 61 -19.33 10.81 -9.54
C ILE B 61 -18.33 9.73 -9.11
N GLY B 62 -17.47 10.03 -8.14
CA GLY B 62 -16.58 9.04 -7.59
C GLY B 62 -17.34 7.93 -6.86
N ILE B 63 -18.08 8.32 -5.83
CA ILE B 63 -18.87 7.39 -5.00
C ILE B 63 -19.76 6.49 -5.82
N GLU B 64 -20.58 7.08 -6.69
CA GLU B 64 -21.51 6.30 -7.47
C GLU B 64 -20.81 5.34 -8.43
N THR B 65 -19.65 5.70 -8.92
CA THR B 65 -18.89 4.78 -9.80
C THR B 65 -18.40 3.60 -8.98
N GLU B 66 -17.86 3.86 -7.78
CA GLU B 66 -17.44 2.74 -6.90
C GLU B 66 -18.58 1.78 -6.62
N ILE B 67 -19.75 2.35 -6.30
CA ILE B 67 -20.93 1.56 -6.01
C ILE B 67 -21.31 0.69 -7.21
N GLN B 68 -21.32 1.29 -8.40
CA GLN B 68 -21.72 0.59 -9.61
C GLN B 68 -20.75 -0.57 -9.85
N LYS B 69 -19.46 -0.27 -9.70
CA LYS B 69 -18.40 -1.26 -9.96
C LYS B 69 -18.37 -2.37 -8.93
N LEU B 70 -18.61 -2.06 -7.67
CA LEU B 70 -18.76 -3.11 -6.65
C LEU B 70 -19.93 -4.03 -7.02
N ARG B 71 -21.05 -3.46 -7.48
CA ARG B 71 -22.20 -4.27 -7.89
CA ARG B 71 -22.20 -4.29 -7.88
C ARG B 71 -21.87 -5.12 -9.13
N GLU B 72 -20.97 -4.62 -9.98
CA GLU B 72 -20.58 -5.34 -11.21
C GLU B 72 -19.59 -6.47 -10.94
N GLY B 73 -18.90 -6.46 -9.80
CA GLY B 73 -18.00 -7.54 -9.48
C GLY B 73 -16.51 -7.25 -9.29
N VAL B 74 -16.11 -5.98 -9.23
CA VAL B 74 -14.69 -5.66 -9.13
C VAL B 74 -14.01 -6.05 -7.81
N ALA B 75 -14.78 -6.22 -6.73
CA ALA B 75 -14.20 -6.57 -5.43
C ALA B 75 -13.52 -7.95 -5.45
N SER B 76 -13.96 -8.84 -6.33
CA SER B 76 -13.42 -10.19 -6.38
C SER B 76 -12.33 -10.38 -7.45
N ILE B 77 -11.90 -9.28 -8.07
CA ILE B 77 -10.93 -9.35 -9.17
C ILE B 77 -9.71 -8.49 -8.86
N TYR B 78 -8.52 -9.12 -8.83
CA TYR B 78 -7.30 -8.36 -8.62
C TYR B 78 -7.19 -7.31 -9.70
N PRO B 79 -6.74 -6.08 -9.35
CA PRO B 79 -6.57 -5.12 -10.40
C PRO B 79 -5.38 -5.53 -11.28
N ASN B 80 -5.44 -5.11 -12.52
CA ASN B 80 -4.35 -5.37 -13.45
C ASN B 80 -3.00 -4.98 -12.80
N LEU B 81 -1.97 -5.75 -13.16
CA LEU B 81 -0.61 -5.52 -12.68
C LEU B 81 -0.11 -4.06 -12.84
N ASP B 82 -0.45 -3.43 -13.97
CA ASP B 82 0.00 -2.05 -14.25
C ASP B 82 -0.99 -0.97 -13.75
N GLY B 83 -2.09 -1.41 -13.13
CA GLY B 83 -3.13 -0.47 -12.71
C GLY B 83 -4.36 -0.60 -13.62
N LEU B 84 -5.50 -0.12 -13.11
CA LEU B 84 -6.73 -0.10 -13.88
C LEU B 84 -6.51 0.65 -15.19
N PRO B 85 -6.77 0.02 -16.33
CA PRO B 85 -6.51 0.73 -17.60
C PRO B 85 -7.21 2.07 -17.72
N GLU B 86 -8.47 2.12 -17.27
CA GLU B 86 -9.24 3.37 -17.31
C GLU B 86 -8.61 4.48 -16.48
N LEU B 87 -8.00 4.14 -15.35
CA LEU B 87 -7.37 5.13 -14.52
C LEU B 87 -6.09 5.62 -15.20
N LYS B 88 -5.29 4.71 -15.74
CA LYS B 88 -4.06 5.11 -16.45
C LYS B 88 -4.40 6.05 -17.63
N GLN B 89 -5.43 5.71 -18.40
CA GLN B 89 -5.85 6.49 -19.54
C GLN B 89 -6.36 7.88 -19.16
N GLU B 90 -7.23 7.96 -18.15
CA GLU B 90 -7.79 9.24 -17.72
C GLU B 90 -6.73 10.10 -17.04
N ALA B 91 -5.77 9.47 -16.37
CA ALA B 91 -4.62 10.21 -15.77
C ALA B 91 -3.77 10.81 -16.91
N SER B 92 -3.50 10.05 -17.95
CA SER B 92 -2.82 10.57 -19.14
C SER B 92 -3.57 11.78 -19.74
N ARG B 93 -4.87 11.63 -19.97
CA ARG B 93 -5.68 12.73 -20.47
C ARG B 93 -5.63 13.92 -19.52
N PHE B 94 -5.75 13.65 -18.23
CA PHE B 94 -5.69 14.70 -17.20
C PHE B 94 -4.35 15.50 -17.28
N ALA B 95 -3.23 14.79 -17.46
CA ALA B 95 -1.93 15.43 -17.59
C ALA B 95 -1.96 16.40 -18.78
N LYS B 96 -2.55 15.97 -19.90
CA LYS B 96 -2.64 16.86 -21.05
C LYS B 96 -3.63 18.01 -20.87
N LEU B 97 -4.83 17.70 -20.36
CA LEU B 97 -5.89 18.69 -20.32
C LEU B 97 -5.76 19.72 -19.19
N PHE B 98 -5.05 19.37 -18.12
CA PHE B 98 -4.89 20.23 -16.96
C PHE B 98 -3.45 20.68 -16.64
N VAL B 99 -2.45 19.98 -17.17
CA VAL B 99 -1.05 20.40 -17.00
C VAL B 99 -0.36 20.67 -18.35
N ASN B 100 -1.05 20.32 -19.46
CA ASN B 100 -0.51 20.40 -20.79
C ASN B 100 0.83 19.66 -20.94
N ILE B 101 0.93 18.50 -20.28
CA ILE B 101 2.11 17.66 -20.39
C ILE B 101 1.67 16.39 -21.11
N ASP B 102 2.49 15.97 -22.08
CA ASP B 102 2.24 14.72 -22.85
C ASP B 102 2.87 13.57 -22.11
N ILE B 103 2.04 12.79 -21.42
CA ILE B 103 2.48 11.65 -20.62
C ILE B 103 1.62 10.44 -21.06
N PRO B 104 2.25 9.36 -21.51
CA PRO B 104 1.49 8.21 -21.98
C PRO B 104 0.82 7.47 -20.86
N ALA B 105 -0.31 6.84 -21.17
CA ALA B 105 -1.02 6.03 -20.18
C ALA B 105 -0.09 4.99 -19.52
N ARG B 106 0.81 4.40 -20.31
CA ARG B 106 1.74 3.42 -19.80
C ARG B 106 2.51 3.91 -18.56
N ALA B 107 2.87 5.20 -18.56
CA ALA B 107 3.66 5.82 -17.52
C ALA B 107 2.86 6.44 -16.37
N CYS B 108 1.54 6.24 -16.37
CA CYS B 108 0.64 6.70 -15.32
C CYS B 108 0.32 5.46 -14.45
N VAL B 109 0.75 5.53 -13.19
CA VAL B 109 0.72 4.39 -12.29
C VAL B 109 -0.11 4.64 -11.04
N PRO B 110 -1.23 3.90 -10.88
CA PRO B 110 -2.06 4.03 -9.69
C PRO B 110 -1.30 3.61 -8.43
N THR B 111 -1.53 4.37 -7.37
CA THR B 111 -0.90 4.16 -6.08
C THR B 111 -1.91 4.31 -4.97
N VAL B 112 -1.57 3.73 -3.82
CA VAL B 112 -2.38 3.80 -2.62
C VAL B 112 -2.11 5.17 -1.97
N GLY B 113 -2.75 6.18 -2.53
CA GLY B 113 -2.50 7.57 -2.15
C GLY B 113 -1.15 8.03 -2.72
N SER B 114 -0.92 9.35 -2.68
CA SER B 114 0.39 9.85 -3.03
C SER B 114 1.40 9.44 -1.96
N GLN B 116 1.89 6.35 -0.89
CA GLN B 116 2.55 5.19 -1.47
C GLN B 116 3.33 5.63 -2.70
N GLY B 117 2.78 6.59 -3.42
CA GLY B 117 3.45 7.16 -4.59
C GLY B 117 4.82 7.74 -4.21
N CYS B 118 4.87 8.51 -3.12
CA CYS B 118 6.16 9.05 -2.65
C CYS B 118 7.10 7.95 -2.17
N PHE B 119 6.55 6.99 -1.42
CA PHE B 119 7.39 5.93 -0.88
C PHE B 119 8.14 5.20 -2.01
N VAL B 120 7.38 4.78 -3.03
CA VAL B 120 7.95 4.02 -4.14
C VAL B 120 8.85 4.89 -4.99
N SER B 121 8.53 6.17 -5.12
CA SER B 121 9.39 7.08 -5.85
C SER B 121 10.76 7.17 -5.18
N PHE B 122 10.80 7.29 -3.85
CA PHE B 122 12.07 7.32 -3.14
C PHE B 122 12.77 5.99 -3.27
N LEU B 123 12.03 4.91 -3.11
CA LEU B 123 12.55 3.56 -3.20
C LEU B 123 13.30 3.30 -4.51
N VAL B 124 12.75 3.76 -5.64
CA VAL B 124 13.38 3.51 -6.92
C VAL B 124 14.28 4.66 -7.34
N ALA B 125 13.78 5.88 -7.26
CA ALA B 125 14.62 7.03 -7.74
C ALA B 125 15.96 7.14 -6.97
N ASN B 126 15.92 6.83 -5.69
CA ASN B 126 17.15 6.93 -4.88
C ASN B 126 18.07 5.74 -4.94
N ARG B 127 17.77 4.78 -5.83
CA ARG B 127 18.65 3.65 -6.13
C ARG B 127 19.17 3.68 -7.56
N THR B 128 18.90 4.78 -8.26
CA THR B 128 19.37 4.93 -9.66
C THR B 128 20.87 5.07 -9.88
N HIS B 129 21.61 5.53 -8.87
CA HIS B 129 23.04 5.79 -9.01
C HIS B 129 23.72 5.37 -7.71
N LYS B 130 24.20 4.12 -7.68
CA LYS B 130 24.73 3.56 -6.46
C LYS B 130 25.96 4.24 -5.91
N ASN B 131 26.67 4.98 -6.75
CA ASN B 131 27.88 5.71 -6.37
CA ASN B 131 27.88 5.69 -6.30
C ASN B 131 27.58 7.07 -5.70
N ARG B 132 26.30 7.45 -5.62
CA ARG B 132 25.92 8.73 -5.01
C ARG B 132 25.54 8.43 -3.57
N GLU B 133 26.08 9.21 -2.65
CA GLU B 133 25.92 9.01 -1.20
CA GLU B 133 25.88 8.91 -1.23
C GLU B 133 24.53 9.34 -0.64
N TYR B 134 23.85 10.27 -1.29
CA TYR B 134 22.53 10.74 -0.86
C TYR B 134 21.41 10.39 -1.83
N GLY B 135 20.17 10.48 -1.34
CA GLY B 135 18.99 10.24 -2.14
C GLY B 135 18.35 11.56 -2.46
N THR B 136 17.42 11.97 -1.60
CA THR B 136 16.65 13.17 -1.83
C THR B 136 17.19 14.48 -1.24
N LEU B 137 17.06 15.55 -2.04
CA LEU B 137 17.23 16.90 -1.57
C LEU B 137 15.80 17.46 -1.35
N PHE B 138 15.49 17.79 -0.11
CA PHE B 138 14.15 18.30 0.24
C PHE B 138 14.09 19.84 0.20
N ILE B 139 13.17 20.41 -0.59
CA ILE B 139 12.90 21.86 -0.59
C ILE B 139 11.77 22.04 0.43
N ASP B 140 12.16 22.43 1.64
CA ASP B 140 11.26 22.63 2.76
C ASP B 140 10.81 24.09 2.85
N PRO B 141 9.83 24.40 3.74
CA PRO B 141 9.05 23.55 4.64
C PRO B 141 8.28 22.54 3.80
N GLY B 142 8.12 21.34 4.36
CA GLY B 142 7.48 20.24 3.70
C GLY B 142 6.69 19.36 4.63
N PHE B 143 6.48 18.16 4.12
CA PHE B 143 5.65 17.14 4.70
C PHE B 143 6.57 16.13 5.38
N ASN B 144 6.57 16.16 6.70
CA ASN B 144 7.53 15.37 7.45
C ASN B 144 7.49 13.85 7.25
N LEU B 145 6.31 13.32 6.96
CA LEU B 145 6.24 11.88 6.66
C LEU B 145 7.20 11.49 5.53
N ASN B 146 7.44 12.36 4.56
CA ASN B 146 8.38 12.04 3.46
C ASN B 146 9.77 11.79 4.00
N LYS B 147 10.18 12.53 5.05
CA LYS B 147 11.50 12.28 5.64
C LYS B 147 11.54 10.94 6.34
N LEU B 148 10.44 10.61 7.01
CA LEU B 148 10.30 9.32 7.68
C LEU B 148 10.41 8.18 6.64
N GLN B 149 9.79 8.36 5.48
CA GLN B 149 9.89 7.38 4.38
C GLN B 149 11.33 7.17 4.00
N CYS B 150 12.08 8.26 3.81
CA CYS B 150 13.49 8.13 3.43
C CYS B 150 14.29 7.47 4.57
N ARG B 151 13.98 7.82 5.81
CA ARG B 151 14.64 7.26 6.96
C ARG B 151 14.39 5.74 7.03
N ILE B 152 13.15 5.33 6.83
CA ILE B 152 12.80 3.90 6.81
C ILE B 152 13.57 3.17 5.73
N LEU B 153 13.73 3.82 4.56
CA LEU B 153 14.52 3.25 3.48
C LEU B 153 16.05 3.26 3.68
N GLY B 154 16.53 3.89 4.74
CA GLY B 154 17.96 4.00 4.98
C GLY B 154 18.69 4.90 3.97
N GLN B 155 17.97 5.86 3.40
CA GLN B 155 18.47 6.78 2.39
C GLN B 155 18.79 8.13 3.02
N LYS B 156 20.05 8.54 2.98
CA LYS B 156 20.43 9.84 3.50
C LYS B 156 19.77 10.92 2.66
N PHE B 157 19.46 12.04 3.29
CA PHE B 157 18.87 13.21 2.64
C PHE B 157 19.38 14.51 3.25
N GLU B 158 19.14 15.60 2.53
CA GLU B 158 19.44 16.97 2.96
CA GLU B 158 19.45 16.94 3.00
C GLU B 158 18.22 17.80 2.71
N SER B 159 18.16 18.94 3.38
CA SER B 159 17.03 19.82 3.31
C SER B 159 17.41 21.24 3.55
N PHE B 160 16.62 22.16 3.04
CA PHE B 160 16.78 23.58 3.39
C PHE B 160 15.42 24.25 3.36
N ASP B 161 15.30 25.32 4.14
CA ASP B 161 14.08 26.13 4.23
C ASP B 161 14.11 27.13 3.10
N LEU B 162 13.11 27.07 2.23
CA LEU B 162 13.02 27.95 1.06
C LEU B 162 12.87 29.44 1.39
N PHE B 163 12.58 29.76 2.65
CA PHE B 163 12.26 31.16 3.05
C PHE B 163 13.21 32.20 2.44
N GLU B 164 14.52 31.99 2.59
CA GLU B 164 15.55 32.94 2.11
C GLU B 164 16.05 32.72 0.71
N TYR B 165 15.50 31.75 -0.01
CA TYR B 165 16.05 31.37 -1.32
C TYR B 165 15.07 31.38 -2.47
N ARG B 166 14.09 32.28 -2.44
CA ARG B 166 13.15 32.33 -3.55
C ARG B 166 13.70 33.06 -4.75
N GLY B 167 13.06 32.81 -5.90
CA GLY B 167 13.42 33.45 -7.14
C GLY B 167 14.79 32.98 -7.64
N GLU B 168 15.54 33.90 -8.17
CA GLU B 168 16.86 33.55 -8.72
CA GLU B 168 16.88 33.62 -8.70
C GLU B 168 17.82 33.05 -7.63
N LYS B 169 17.56 33.40 -6.35
CA LYS B 169 18.36 32.94 -5.21
C LYS B 169 18.32 31.41 -5.07
N LEU B 170 17.28 30.78 -5.63
CA LEU B 170 17.15 29.34 -5.56
C LEU B 170 18.26 28.59 -6.33
N ARG B 171 18.77 29.18 -7.40
CA ARG B 171 19.77 28.50 -8.22
C ARG B 171 21.05 28.13 -7.45
N GLU B 172 21.68 29.12 -6.84
CA GLU B 172 22.88 28.87 -6.11
C GLU B 172 22.64 27.93 -4.94
N LYS B 173 21.52 28.07 -4.24
CA LYS B 173 21.25 27.21 -3.08
C LYS B 173 21.02 25.75 -3.49
N LEU B 174 20.16 25.50 -4.47
CA LEU B 174 19.95 24.13 -4.95
C LEU B 174 21.26 23.55 -5.49
N GLU B 175 21.96 24.34 -6.29
CA GLU B 175 23.20 23.86 -6.90
C GLU B 175 24.33 23.56 -5.87
N SER B 176 24.32 24.26 -4.74
CA SER B 176 25.31 23.99 -3.70
C SER B 176 25.28 22.50 -3.28
N TYR B 177 24.10 21.92 -3.25
CA TYR B 177 23.94 20.50 -2.96
C TYR B 177 24.21 19.65 -4.20
N LEU B 178 23.58 20.01 -5.31
CA LEU B 178 23.62 19.13 -6.50
C LEU B 178 25.03 19.01 -7.04
N GLN B 179 25.80 20.12 -6.96
CA GLN B 179 27.19 20.10 -7.51
C GLN B 179 28.17 19.13 -6.77
N THR B 180 27.77 18.59 -5.63
CA THR B 180 28.60 17.55 -4.95
C THR B 180 28.53 16.23 -5.75
N GLY B 181 27.55 16.13 -6.62
CA GLY B 181 27.25 14.93 -7.42
C GLY B 181 26.66 13.78 -6.60
N GLN B 182 26.29 14.06 -5.35
CA GLN B 182 25.80 13.02 -4.42
C GLN B 182 24.32 12.82 -4.27
N PHE B 183 23.51 13.56 -5.04
CA PHE B 183 22.04 13.45 -4.93
C PHE B 183 21.42 12.71 -6.10
N CYS B 184 20.27 12.09 -5.84
CA CYS B 184 19.49 11.38 -6.85
C CYS B 184 18.14 12.01 -7.18
N SER B 185 17.55 12.74 -6.23
CA SER B 185 16.23 13.28 -6.45
C SER B 185 16.02 14.58 -5.68
N ILE B 186 14.92 15.28 -6.02
CA ILE B 186 14.50 16.51 -5.38
C ILE B 186 12.98 16.39 -5.21
N ILE B 187 12.47 16.82 -4.05
CA ILE B 187 11.04 16.85 -3.84
C ILE B 187 10.57 18.18 -3.22
N TYR B 188 9.38 18.60 -3.67
CA TYR B 188 8.65 19.77 -3.15
C TYR B 188 7.16 19.57 -3.48
N SER B 189 6.30 20.27 -2.75
CA SER B 189 4.86 20.28 -3.05
C SER B 189 4.49 21.63 -3.59
N ASN B 190 3.58 21.67 -4.55
CA ASN B 190 3.10 22.94 -5.10
C ASN B 190 1.65 22.82 -5.53
N PRO B 191 0.73 23.52 -4.86
CA PRO B 191 0.91 24.34 -3.67
C PRO B 191 1.53 23.60 -2.49
N ASN B 192 2.27 24.32 -1.66
CA ASN B 192 3.00 23.75 -0.54
C ASN B 192 2.21 23.52 0.76
N ASN B 193 2.41 22.34 1.32
CA ASN B 193 2.04 22.02 2.71
C ASN B 193 3.41 22.13 3.44
N PRO B 194 3.57 23.02 4.42
CA PRO B 194 2.57 23.83 5.12
C PRO B 194 2.31 25.30 4.77
N THR B 195 3.12 25.90 3.89
CA THR B 195 3.10 27.36 3.73
C THR B 195 2.11 27.92 2.70
N TRP B 196 1.61 27.06 1.82
CA TRP B 196 0.76 27.45 0.70
C TRP B 196 1.54 28.29 -0.34
N GLN B 197 2.86 28.37 -0.23
CA GLN B 197 3.64 28.96 -1.32
C GLN B 197 3.45 28.15 -2.58
N CYS B 198 3.45 28.84 -3.71
CA CYS B 198 3.36 28.20 -5.01
C CYS B 198 4.62 28.55 -5.79
N THR B 200 7.06 29.48 -8.47
CA THR B 200 6.83 30.30 -9.67
C THR B 200 7.42 29.60 -10.88
N ASP B 201 7.10 30.10 -12.07
CA ASP B 201 7.66 29.52 -13.30
C ASP B 201 9.15 29.82 -13.41
N GLU B 202 9.60 30.93 -12.82
CA GLU B 202 11.03 31.16 -12.73
C GLU B 202 11.73 30.08 -11.93
N GLU B 203 11.17 29.77 -10.76
CA GLU B 203 11.71 28.74 -9.85
C GLU B 203 11.63 27.35 -10.47
N LEU B 204 10.50 27.03 -11.12
CA LEU B 204 10.36 25.73 -11.76
C LEU B 204 11.38 25.56 -12.89
N ARG B 205 11.66 26.62 -13.61
CA ARG B 205 12.67 26.55 -14.67
CA ARG B 205 12.67 26.57 -14.68
C ARG B 205 14.04 26.30 -14.08
N ILE B 206 14.36 26.99 -12.97
CA ILE B 206 15.65 26.78 -12.29
C ILE B 206 15.78 25.32 -11.84
N ILE B 207 14.75 24.79 -11.21
CA ILE B 207 14.75 23.40 -10.72
C ILE B 207 14.90 22.43 -11.86
N GLY B 208 14.13 22.63 -12.93
CA GLY B 208 14.21 21.74 -14.11
C GLY B 208 15.55 21.76 -14.81
N GLU B 209 16.09 22.96 -15.02
CA GLU B 209 17.38 23.12 -15.64
CA GLU B 209 17.36 23.09 -15.68
C GLU B 209 18.47 22.40 -14.87
N LEU B 210 18.45 22.55 -13.54
CA LEU B 210 19.45 21.93 -12.68
C LEU B 210 19.26 20.43 -12.57
N ALA B 211 18.01 19.98 -12.55
CA ALA B 211 17.75 18.55 -12.53
C ALA B 211 18.31 17.88 -13.81
N THR B 212 18.13 18.51 -14.96
CA THR B 212 18.70 18.00 -16.19
C THR B 212 20.22 18.08 -16.13
N LYS B 213 20.77 19.21 -15.68
CA LYS B 213 22.23 19.38 -15.64
C LYS B 213 22.93 18.37 -14.75
N HIS B 214 22.34 18.11 -13.57
CA HIS B 214 22.96 17.24 -12.57
C HIS B 214 22.37 15.82 -12.57
N ASP B 215 21.51 15.54 -13.54
CA ASP B 215 20.90 14.24 -13.70
C ASP B 215 20.28 13.69 -12.41
N VAL B 216 19.33 14.44 -11.91
CA VAL B 216 18.54 14.03 -10.76
C VAL B 216 17.08 14.07 -11.19
N ILE B 217 16.25 13.35 -10.44
CA ILE B 217 14.84 13.17 -10.72
C ILE B 217 14.01 14.07 -9.82
N VAL B 218 13.14 14.85 -10.41
CA VAL B 218 12.27 15.73 -9.59
C VAL B 218 10.94 15.07 -9.29
N ILE B 219 10.62 14.91 -8.00
CA ILE B 219 9.32 14.39 -7.58
C ILE B 219 8.52 15.65 -7.22
N GLU B 220 7.50 15.96 -8.01
CA GLU B 220 6.68 17.13 -7.86
C GLU B 220 5.40 16.66 -7.26
N ASP B 221 5.13 17.08 -6.01
CA ASP B 221 3.94 16.65 -5.27
C ASP B 221 2.76 17.64 -5.51
N LEU B 222 1.82 17.24 -6.38
CA LEU B 222 0.72 18.07 -6.76
C LEU B 222 -0.51 17.66 -5.97
N ALA B 223 -0.31 17.41 -4.70
CA ALA B 223 -1.44 17.01 -3.85
C ALA B 223 -2.59 18.02 -3.89
N TYR B 224 -2.27 19.30 -3.85
CA TYR B 224 -3.31 20.33 -3.86
C TYR B 224 -3.51 20.78 -5.30
N PHE B 225 -3.85 19.81 -6.15
CA PHE B 225 -3.90 20.05 -7.58
C PHE B 225 -4.76 21.20 -8.01
N GLY B 226 -4.14 22.13 -8.72
CA GLY B 226 -4.84 23.24 -9.33
C GLY B 226 -5.45 24.17 -8.32
N ASP B 228 -4.15 26.78 -6.57
CA ASP B 228 -3.73 28.21 -6.50
C ASP B 228 -4.88 28.98 -7.15
N PHE B 229 -5.78 29.52 -6.31
CA PHE B 229 -6.97 30.22 -6.76
C PHE B 229 -6.77 31.64 -7.26
N ARG B 230 -5.51 32.12 -7.30
CA ARG B 230 -5.22 33.39 -7.95
C ARG B 230 -5.35 33.22 -9.49
N LYS B 231 -5.25 31.99 -9.97
CA LYS B 231 -5.48 31.64 -11.37
C LYS B 231 -6.67 30.67 -11.41
N ASP B 232 -7.12 30.36 -12.61
CA ASP B 232 -8.15 29.37 -12.83
C ASP B 232 -7.60 28.25 -13.73
N TYR B 233 -7.19 27.16 -13.10
CA TYR B 233 -6.65 26.01 -13.79
C TYR B 233 -7.70 24.92 -14.07
N SER B 234 -8.97 25.25 -13.94
CA SER B 234 -10.03 24.24 -13.93
C SER B 234 -10.70 23.85 -15.27
N HIS B 235 -10.33 24.53 -16.35
CA HIS B 235 -10.97 24.28 -17.67
C HIS B 235 -10.07 23.42 -18.55
N PRO B 236 -10.57 22.26 -18.95
CA PRO B 236 -9.71 21.34 -19.67
C PRO B 236 -9.34 21.74 -21.06
N GLY B 237 -8.10 21.45 -21.44
CA GLY B 237 -7.68 21.66 -22.81
C GLY B 237 -7.46 23.08 -23.26
N GLU B 238 -7.46 24.04 -22.33
CA GLU B 238 -7.14 25.43 -22.68
C GLU B 238 -6.42 26.06 -21.52
N PRO B 239 -5.56 27.02 -21.80
CA PRO B 239 -4.86 27.67 -20.70
C PRO B 239 -5.78 28.52 -19.83
N LEU B 240 -5.37 28.82 -18.60
CA LEU B 240 -4.11 28.34 -17.98
C LEU B 240 -4.12 26.91 -17.48
N TYR B 241 -2.92 26.36 -17.39
CA TYR B 241 -2.69 25.01 -16.90
C TYR B 241 -1.91 25.06 -15.59
N GLN B 242 -2.05 24.02 -14.77
CA GLN B 242 -1.25 23.89 -13.55
C GLN B 242 0.24 23.99 -13.91
N PRO B 243 0.97 24.90 -13.27
CA PRO B 243 2.40 24.96 -13.59
C PRO B 243 3.13 23.72 -13.10
N SER B 244 4.17 23.34 -13.84
CA SER B 244 4.91 22.10 -13.55
C SER B 244 6.35 22.15 -14.03
N VAL B 245 7.21 21.51 -13.26
CA VAL B 245 8.63 21.32 -13.61
C VAL B 245 8.73 20.47 -14.89
N ALA B 246 7.67 19.73 -15.25
CA ALA B 246 7.66 18.94 -16.49
C ALA B 246 7.87 19.81 -17.74
N ASN B 247 7.52 21.10 -17.62
CA ASN B 247 7.81 22.04 -18.72
C ASN B 247 9.30 22.39 -18.89
N TYR B 248 10.13 22.04 -17.89
CA TYR B 248 11.51 22.48 -17.82
C TYR B 248 12.56 21.36 -17.66
N THR B 249 12.12 20.10 -17.64
CA THR B 249 13.00 18.94 -17.59
C THR B 249 12.23 17.70 -18.02
N ASP B 250 12.99 16.68 -18.43
CA ASP B 250 12.41 15.38 -18.71
C ASP B 250 12.53 14.44 -17.47
N ASN B 251 13.25 14.87 -16.44
CA ASN B 251 13.47 14.06 -15.25
C ASN B 251 12.44 14.35 -14.17
N TYR B 252 11.22 13.85 -14.34
CA TYR B 252 10.16 14.14 -13.40
C TYR B 252 9.20 13.00 -13.15
N ILE B 253 8.61 13.08 -11.96
CA ILE B 253 7.52 12.22 -11.51
C ILE B 253 6.50 13.18 -10.94
N LEU B 254 5.27 13.20 -11.45
CA LEU B 254 4.25 14.10 -10.96
C LEU B 254 3.28 13.30 -10.11
N ALA B 255 3.26 13.56 -8.81
CA ALA B 255 2.38 12.82 -7.90
C ALA B 255 1.04 13.49 -7.78
N LEU B 256 -0.01 12.80 -8.22
CA LEU B 256 -1.36 13.33 -8.19
C LEU B 256 -2.20 12.55 -7.19
N SER B 257 -2.57 13.19 -6.10
CA SER B 257 -3.45 12.58 -5.11
C SER B 257 -4.91 12.91 -5.43
N SER B 258 -5.81 12.03 -5.02
CA SER B 258 -7.25 12.33 -5.07
C SER B 258 -7.71 12.98 -3.74
N SER B 259 -6.85 12.98 -2.74
CA SER B 259 -7.26 13.29 -1.35
C SER B 259 -7.76 14.66 -1.03
N ALA B 261 -7.86 17.66 -3.76
CA ALA B 261 -8.58 18.28 -4.89
C ALA B 261 -9.89 17.56 -5.19
N PHE B 262 -9.99 16.29 -4.77
CA PHE B 262 -11.18 15.48 -5.00
C PHE B 262 -11.82 14.99 -3.66
N SER B 263 -11.40 15.55 -2.52
CA SER B 263 -12.00 15.21 -1.23
C SER B 263 -12.17 13.71 -1.08
N TYR B 264 -11.12 12.97 -1.41
CA TYR B 264 -11.23 11.49 -1.49
C TYR B 264 -10.16 10.76 -0.65
N ALA B 265 -9.73 11.43 0.41
CA ALA B 265 -8.61 10.93 1.23
C ALA B 265 -8.84 9.53 1.78
N GLY B 266 -10.09 9.22 2.15
CA GLY B 266 -10.36 7.92 2.77
C GLY B 266 -10.13 6.72 1.85
N GLN B 267 -10.27 6.92 0.54
CA GLN B 267 -10.17 5.78 -0.41
C GLN B 267 -8.76 5.40 -0.80
N ARG B 268 -7.78 6.15 -0.32
CA ARG B 268 -6.36 5.86 -0.55
C ARG B 268 -6.03 5.59 -2.00
N ILE B 269 -6.20 6.61 -2.86
CA ILE B 269 -5.96 6.44 -4.25
C ILE B 269 -5.33 7.70 -4.84
N GLY B 270 -4.24 7.48 -5.58
CA GLY B 270 -3.55 8.51 -6.28
C GLY B 270 -2.94 7.90 -7.54
N VAL B 271 -2.28 8.75 -8.32
CA VAL B 271 -1.58 8.32 -9.52
CA VAL B 271 -1.56 8.28 -9.49
C VAL B 271 -0.24 9.02 -9.67
N LEU B 272 0.80 8.28 -10.02
CA LEU B 272 2.08 8.88 -10.36
C LEU B 272 2.08 9.05 -11.88
N ILE B 274 4.47 9.68 -14.56
CA ILE B 274 5.93 9.65 -14.74
C ILE B 274 6.33 10.07 -16.14
N SER B 275 7.33 10.94 -16.24
CA SER B 275 7.87 11.34 -17.56
C SER B 275 8.04 10.07 -18.41
N GLY B 276 7.50 10.07 -19.63
CA GLY B 276 7.60 8.90 -20.51
C GLY B 276 9.03 8.46 -20.80
N LYS B 277 9.92 9.42 -21.08
CA LYS B 277 11.31 9.10 -21.30
C LYS B 277 11.99 8.54 -20.05
N LEU B 278 11.66 9.06 -18.88
CA LEU B 278 12.16 8.51 -17.62
C LEU B 278 11.69 7.05 -17.40
N TYR B 279 10.42 6.80 -17.68
CA TYR B 279 9.78 5.50 -17.49
C TYR B 279 10.57 4.44 -18.25
N GLU B 280 11.01 4.77 -19.46
CA GLU B 280 11.78 3.83 -20.28
C GLU B 280 13.28 3.83 -20.05
N ARG B 281 13.80 4.74 -19.25
CA ARG B 281 15.23 4.86 -19.06
C ARG B 281 15.80 3.66 -18.34
N GLU B 282 16.90 3.18 -18.88
CA GLU B 282 17.60 2.01 -18.38
C GLU B 282 18.61 2.39 -17.32
N TYR B 283 18.43 1.86 -16.10
CA TYR B 283 19.38 2.12 -15.02
C TYR B 283 19.94 0.79 -14.48
N PRO B 284 21.16 0.42 -14.89
CA PRO B 284 21.73 -0.84 -14.44
C PRO B 284 21.70 -1.06 -12.90
N ASP B 285 21.84 0.02 -12.13
CA ASP B 285 21.87 -0.11 -10.65
C ASP B 285 20.52 -0.53 -10.05
N LEU B 286 19.44 -0.52 -10.83
CA LEU B 286 18.16 -1.01 -10.31
C LEU B 286 18.04 -2.52 -10.38
N GLU B 287 18.87 -3.17 -11.20
CA GLU B 287 18.66 -4.61 -11.42
C GLU B 287 18.83 -5.48 -10.18
N GLU B 288 19.83 -5.17 -9.36
CA GLU B 288 20.12 -6.05 -8.22
C GLU B 288 18.94 -6.20 -7.28
N SER B 289 18.34 -5.08 -6.91
CA SER B 289 17.25 -5.13 -5.94
C SER B 289 15.86 -5.29 -6.53
N PHE B 290 15.64 -4.88 -7.79
CA PHE B 290 14.29 -4.94 -8.38
C PHE B 290 14.07 -5.97 -9.48
N GLY B 291 15.15 -6.41 -10.09
CA GLY B 291 15.10 -7.38 -11.19
C GLY B 291 14.51 -6.78 -12.47
N ARG B 292 14.59 -5.46 -12.60
CA ARG B 292 14.20 -4.74 -13.81
C ARG B 292 15.26 -3.70 -14.08
N LEU B 293 15.40 -3.35 -15.36
CA LEU B 293 16.35 -2.37 -15.82
C LEU B 293 15.69 -1.00 -16.08
N ARG B 294 14.51 -0.99 -16.70
CA ARG B 294 13.84 0.29 -16.99
CA ARG B 294 13.80 0.27 -17.01
C ARG B 294 13.18 0.84 -15.74
N PHE B 295 13.39 2.13 -15.52
CA PHE B 295 12.87 2.82 -14.35
C PHE B 295 11.43 2.49 -14.04
N GLY B 296 10.56 2.68 -15.04
CA GLY B 296 9.13 2.45 -14.88
C GLY B 296 8.74 1.02 -14.53
N GLU B 297 9.45 0.06 -15.11
CA GLU B 297 9.19 -1.38 -14.84
C GLU B 297 9.62 -1.69 -13.43
N ALA B 298 10.78 -1.15 -13.03
CA ALA B 298 11.27 -1.35 -11.66
C ALA B 298 10.26 -0.80 -10.68
N LEU B 299 9.72 0.37 -10.99
CA LEU B 299 8.77 1.02 -10.09
C LEU B 299 7.42 0.36 -10.05
N SER B 300 6.84 0.06 -11.22
CA SER B 300 5.49 -0.45 -11.30
C SER B 300 5.39 -1.97 -11.27
N SER B 301 6.20 -2.64 -12.08
CA SER B 301 6.11 -4.10 -12.20
C SER B 301 6.75 -4.89 -11.06
N SER B 302 7.75 -4.28 -10.41
CA SER B 302 8.46 -4.90 -9.34
C SER B 302 8.12 -4.27 -7.98
N ALA B 303 8.52 -3.02 -7.76
CA ALA B 303 8.33 -2.34 -6.45
C ALA B 303 6.90 -2.23 -5.99
N LEU B 304 6.03 -1.62 -6.79
CA LEU B 304 4.62 -1.51 -6.36
C LEU B 304 3.93 -2.81 -6.21
N TYR B 305 4.25 -3.76 -7.06
CA TYR B 305 3.64 -5.07 -6.98
C TYR B 305 4.00 -5.71 -5.63
N ALA B 306 5.26 -5.59 -5.25
CA ALA B 306 5.73 -6.11 -3.97
C ALA B 306 5.18 -5.35 -2.77
N LEU B 307 4.93 -4.05 -2.94
CA LEU B 307 4.44 -3.20 -1.83
C LEU B 307 3.03 -3.49 -1.43
N SER B 308 2.16 -3.81 -2.39
CA SER B 308 0.73 -4.05 -2.05
C SER B 308 -0.08 -4.78 -3.13
N SER B 309 0.55 -5.19 -4.23
CA SER B 309 -0.19 -5.83 -5.33
C SER B 309 -1.39 -5.00 -5.79
N GLY B 310 -1.16 -3.70 -5.89
CA GLY B 310 -2.10 -2.71 -6.41
C GLY B 310 -2.86 -1.92 -5.37
N ALA B 311 -3.75 -1.10 -5.90
CA ALA B 311 -4.63 -0.26 -5.12
C ALA B 311 -6.04 -0.79 -5.26
N THR B 312 -6.87 -0.51 -4.24
CA THR B 312 -8.26 -0.97 -4.17
C THR B 312 -8.99 -0.75 -5.47
N HIS B 313 -9.56 -1.84 -6.00
CA HIS B 313 -10.11 -1.82 -7.35
C HIS B 313 -11.27 -0.82 -7.51
N SER B 314 -12.17 -0.81 -6.55
CA SER B 314 -13.29 0.16 -6.63
C SER B 314 -12.77 1.61 -6.59
N ALA B 315 -11.72 1.88 -5.78
CA ALA B 315 -11.18 3.21 -5.65
C ALA B 315 -10.50 3.70 -6.92
N GLN B 316 -9.83 2.79 -7.64
CA GLN B 316 -9.24 3.10 -8.89
C GLN B 316 -10.34 3.56 -9.84
N TRP B 317 -11.49 2.88 -9.78
CA TRP B 317 -12.61 3.28 -10.65
C TRP B 317 -13.16 4.66 -10.27
N GLY B 318 -13.25 4.91 -8.96
CA GLY B 318 -13.75 6.21 -8.47
C GLY B 318 -12.89 7.35 -8.97
N ALA B 320 -10.79 7.26 -11.57
CA ALA B 320 -10.88 7.30 -13.05
C ALA B 320 -12.09 8.10 -13.48
N ALA B 321 -13.22 7.87 -12.79
CA ALA B 321 -14.49 8.53 -13.12
C ALA B 321 -14.40 10.04 -12.84
N LEU B 323 -11.55 11.93 -12.73
CA LEU B 323 -10.64 12.52 -13.71
C LEU B 323 -11.35 12.64 -15.08
N LYS B 324 -12.04 11.59 -15.49
CA LYS B 324 -12.76 11.61 -16.76
C LYS B 324 -13.77 12.73 -16.81
N ALA B 325 -14.52 12.92 -15.72
CA ALA B 325 -15.51 13.99 -15.65
C ALA B 325 -14.85 15.38 -15.81
N CYS B 326 -13.68 15.58 -15.23
CA CYS B 326 -12.90 16.81 -15.39
C CYS B 326 -12.45 16.94 -16.85
N ASN B 327 -11.91 15.86 -17.38
CA ASN B 327 -11.41 15.84 -18.76
C ASN B 327 -12.48 16.19 -19.76
N ASP B 328 -13.67 15.67 -19.51
CA ASP B 328 -14.81 15.82 -20.40
C ASP B 328 -15.59 17.10 -20.17
N GLY B 329 -15.22 17.89 -19.16
CA GLY B 329 -15.90 19.15 -18.87
C GLY B 329 -17.24 19.01 -18.14
N GLU B 330 -17.45 17.87 -17.52
CA GLU B 330 -18.70 17.59 -16.83
CA GLU B 330 -18.70 17.57 -16.82
C GLU B 330 -18.65 17.88 -15.32
N TYR B 331 -17.44 18.01 -14.79
CA TYR B 331 -17.23 18.30 -13.39
C TYR B 331 -16.12 19.32 -13.32
N ASN B 332 -16.31 20.35 -12.52
CA ASN B 332 -15.27 21.35 -12.28
C ASN B 332 -14.73 21.16 -10.85
N PHE B 333 -13.51 20.67 -10.72
CA PHE B 333 -12.99 20.36 -9.39
C PHE B 333 -12.75 21.58 -8.52
N ARG B 334 -12.47 22.72 -9.15
CA ARG B 334 -12.12 23.96 -8.47
C ARG B 334 -13.34 24.63 -7.84
N ASP B 335 -14.50 24.49 -8.47
CA ASP B 335 -15.72 25.10 -7.96
C ASP B 335 -16.00 24.67 -6.53
N SER B 336 -15.72 23.43 -6.15
CA SER B 336 -15.96 23.07 -4.75
C SER B 336 -14.83 23.53 -3.84
N VAL B 337 -13.59 23.20 -4.19
CA VAL B 337 -12.45 23.44 -3.27
C VAL B 337 -12.05 24.91 -3.11
N ILE B 338 -12.56 25.78 -3.97
CA ILE B 338 -12.31 27.21 -3.86
C ILE B 338 -12.91 27.76 -2.55
N GLU B 339 -13.88 27.04 -2.00
CA GLU B 339 -14.41 27.38 -0.71
C GLU B 339 -13.32 27.53 0.34
N TYR B 340 -12.28 26.71 0.26
CA TYR B 340 -11.19 26.84 1.20
C TYR B 340 -10.52 28.22 1.12
N GLY B 341 -10.35 28.73 -0.11
CA GLY B 341 -9.80 30.06 -0.32
C GLY B 341 -10.68 31.16 0.18
N ARG B 342 -12.00 31.03 0.01
CA ARG B 342 -12.92 32.02 0.50
CA ARG B 342 -12.99 32.00 0.52
C ARG B 342 -12.80 32.11 2.02
N LYS B 343 -12.64 30.95 2.67
CA LYS B 343 -12.45 30.89 4.11
C LYS B 343 -11.11 31.48 4.53
N ALA B 344 -10.07 31.18 3.78
CA ALA B 344 -8.76 31.73 4.04
C ALA B 344 -8.78 33.26 3.99
N ARG B 345 -9.47 33.86 3.02
CA ARG B 345 -9.47 35.31 2.93
C ARG B 345 -10.03 35.92 4.23
N ILE B 346 -11.15 35.36 4.70
CA ILE B 346 -11.75 35.80 5.94
C ILE B 346 -10.87 35.59 7.15
N LYS B 348 -7.51 34.92 7.39
CA LYS B 348 -6.28 35.72 7.39
C LYS B 348 -6.50 37.12 7.99
N LYS B 349 -7.59 37.77 7.57
CA LYS B 349 -7.90 39.10 8.03
C LYS B 349 -8.13 39.14 9.56
N PHE B 351 -6.67 37.13 11.76
CA PHE B 351 -5.34 37.08 12.35
C PHE B 351 -4.62 38.44 12.24
N LEU B 352 -4.62 39.00 11.04
CA LEU B 352 -3.87 40.24 10.81
C LEU B 352 -4.47 41.47 11.54
N ASP B 353 -5.78 41.46 11.77
CA ASP B 353 -6.44 42.50 12.55
C ASP B 353 -6.09 42.40 14.04
N ASN B 354 -5.57 41.25 14.45
CA ASN B 354 -5.30 40.99 15.86
C ASN B 354 -3.86 40.65 16.21
N GLY B 355 -2.94 41.35 15.55
CA GLY B 355 -1.52 41.32 15.93
C GLY B 355 -0.60 40.32 15.24
N PHE B 356 -1.16 39.46 14.40
CA PHE B 356 -0.40 38.44 13.70
C PHE B 356 0.14 38.96 12.38
N ASN B 357 1.14 38.27 11.89
CA ASN B 357 1.67 38.48 10.55
C ASN B 357 1.71 37.15 9.79
N ILE B 358 1.57 37.21 8.45
CA ILE B 358 1.73 36.02 7.63
CA ILE B 358 1.71 36.02 7.63
C ILE B 358 3.22 35.86 7.46
N VAL B 359 3.75 34.67 7.82
CA VAL B 359 5.20 34.43 7.77
C VAL B 359 5.73 34.23 6.35
N TYR B 360 5.21 33.20 5.68
CA TYR B 360 5.52 32.93 4.26
C TYR B 360 4.42 33.66 3.52
N ASP B 361 4.70 34.93 3.15
CA ASP B 361 3.66 35.84 2.67
C ASP B 361 3.57 36.13 1.17
N LYS B 362 4.53 35.65 0.39
CA LYS B 362 4.58 35.99 -1.03
C LYS B 362 5.19 34.91 -1.91
N ASP B 363 4.79 34.88 -3.19
CA ASP B 363 5.47 34.09 -4.24
C ASP B 363 5.96 35.14 -5.26
N GLY B 364 7.27 35.35 -5.40
CA GLY B 364 7.73 36.42 -6.30
C GLY B 364 7.21 37.74 -5.71
N ASN B 365 6.46 38.52 -6.47
CA ASN B 365 5.88 39.72 -5.84
C ASN B 365 4.42 39.49 -5.41
N GLU B 366 3.78 38.43 -5.94
CA GLU B 366 2.38 38.12 -5.63
C GLU B 366 2.16 37.80 -4.13
N PRO B 367 1.18 38.46 -3.51
CA PRO B 367 0.82 38.02 -2.14
C PRO B 367 0.39 36.57 -2.18
N LEU B 368 0.63 35.87 -1.08
CA LEU B 368 0.26 34.48 -0.93
C LEU B 368 -1.18 34.25 -1.36
N ALA B 369 -1.44 33.16 -2.06
CA ALA B 369 -2.80 32.84 -2.42
C ALA B 369 -3.66 32.52 -1.17
N ASP B 370 -4.96 32.68 -1.33
CA ASP B 370 -5.94 32.27 -0.30
C ASP B 370 -6.30 30.83 -0.62
N GLY B 371 -6.04 29.93 0.32
CA GLY B 371 -6.25 28.52 0.08
C GLY B 371 -6.35 27.68 1.33
N PHE B 372 -5.81 26.47 1.24
CA PHE B 372 -5.96 25.41 2.24
C PHE B 372 -5.19 25.65 3.53
N TYR B 373 -4.02 26.27 3.39
CA TYR B 373 -3.20 26.63 4.53
C TYR B 373 -2.68 28.09 4.41
N PHE B 374 -2.26 28.62 5.55
CA PHE B 374 -1.42 29.80 5.58
C PHE B 374 -0.67 29.76 6.90
N THR B 375 0.43 30.49 6.97
CA THR B 375 1.27 30.52 8.16
C THR B 375 1.14 31.84 8.87
N VAL B 376 1.20 31.83 10.20
CA VAL B 376 1.15 33.06 11.00
C VAL B 376 2.22 33.05 12.10
N GLY B 377 2.64 34.25 12.49
CA GLY B 377 3.54 34.47 13.62
C GLY B 377 2.91 35.57 14.49
N TYR B 378 3.34 35.64 15.75
CA TYR B 378 2.82 36.61 16.69
C TYR B 378 3.99 37.26 17.43
N LYS B 379 4.34 38.46 17.02
CA LYS B 379 5.43 39.24 17.60
C LYS B 379 6.74 38.48 17.63
N GLY B 380 6.92 37.55 16.71
CA GLY B 380 8.15 36.77 16.67
C GLY B 380 8.32 35.80 17.84
N ASP B 382 8.38 32.42 20.01
CA ASP B 382 8.62 31.03 19.60
C ASP B 382 7.26 30.30 19.52
N SER B 383 7.12 29.49 18.48
CA SER B 383 5.87 28.73 18.28
C SER B 383 5.52 27.82 19.45
N SER B 384 6.51 27.36 20.24
CA SER B 384 6.21 26.57 21.45
C SER B 384 5.40 27.41 22.48
N LYS B 385 5.64 28.72 22.52
CA LYS B 385 4.88 29.61 23.39
C LYS B 385 3.57 30.00 22.73
N LEU B 386 3.58 30.23 21.42
CA LEU B 386 2.35 30.62 20.74
C LEU B 386 1.30 29.51 20.75
N ILE B 387 1.71 28.26 20.59
CA ILE B 387 0.72 27.15 20.61
C ILE B 387 0.08 27.06 21.98
N GLU B 388 0.84 27.31 23.04
CA GLU B 388 0.26 27.36 24.39
C GLU B 388 -0.73 28.49 24.50
N LYS B 389 -0.39 29.66 23.94
CA LYS B 389 -1.31 30.80 23.95
C LYS B 389 -2.59 30.46 23.15
N PHE B 390 -2.46 29.77 22.03
CA PHE B 390 -3.65 29.33 21.26
C PHE B 390 -4.56 28.49 22.14
N VAL B 391 -4.00 27.48 22.78
CA VAL B 391 -4.80 26.54 23.58
C VAL B 391 -5.48 27.25 24.75
N ARG B 392 -4.77 28.19 25.38
CA ARG B 392 -5.34 28.98 26.46
C ARG B 392 -6.57 29.73 25.99
N TYR B 393 -6.58 30.13 24.73
CA TYR B 393 -7.71 30.88 24.13
C TYR B 393 -8.60 30.01 23.19
N GLY B 394 -8.64 28.71 23.46
CA GLY B 394 -9.55 27.81 22.79
C GLY B 394 -9.37 27.67 21.28
N CYS B 396 -6.72 25.72 18.21
CA CYS B 396 -5.73 24.71 17.93
C CYS B 396 -5.20 24.84 16.52
N ALA B 397 -3.87 24.76 16.40
CA ALA B 397 -3.21 24.74 15.13
C ALA B 397 -1.86 24.08 15.37
N ILE B 398 -1.12 23.83 14.31
CA ILE B 398 0.19 23.18 14.50
C ILE B 398 1.34 24.16 14.33
N THR B 399 2.54 23.84 14.85
CA THR B 399 3.71 24.66 14.61
C THR B 399 4.37 24.15 13.33
N LEU B 400 5.42 24.82 12.88
CA LEU B 400 6.20 24.35 11.75
C LEU B 400 7.49 23.63 12.17
N LYS B 401 7.60 23.30 13.46
CA LYS B 401 8.84 22.73 14.02
C LYS B 401 9.31 21.42 13.37
N THR B 402 8.38 20.58 12.89
CA THR B 402 8.78 19.35 12.24
C THR B 402 8.69 19.40 10.70
N THR B 403 8.67 20.61 10.12
CA THR B 403 8.50 20.72 8.69
C THR B 403 9.79 21.09 7.95
N GLY B 404 10.87 21.31 8.68
CA GLY B 404 12.13 21.74 8.06
C GLY B 404 12.23 23.27 8.02
N SER B 405 11.18 23.99 8.44
CA SER B 405 11.21 25.47 8.52
C SER B 405 12.12 25.88 9.66
N LYS B 406 12.90 26.94 9.44
CA LYS B 406 13.73 27.56 10.47
C LYS B 406 13.04 28.83 11.00
N ARG B 407 11.79 29.06 10.61
CA ARG B 407 10.99 30.19 11.10
C ARG B 407 10.33 29.66 12.36
N ASN B 408 11.05 29.76 13.47
CA ASN B 408 10.58 29.17 14.71
C ASN B 408 9.37 29.84 15.32
N GLU B 409 8.99 30.99 14.77
CA GLU B 409 7.79 31.72 15.22
C GLU B 409 6.49 31.23 14.54
N ALA B 410 6.63 30.41 13.50
CA ALA B 410 5.52 30.08 12.60
C ALA B 410 4.60 28.96 13.03
N ARG B 412 1.04 26.82 11.36
CA ARG B 412 0.28 26.53 10.14
C ARG B 412 -1.20 26.54 10.52
N ILE B 413 -1.97 27.37 9.81
CA ILE B 413 -3.40 27.43 9.99
C ILE B 413 -4.01 26.69 8.79
N CYS B 414 -4.95 25.78 9.05
CA CYS B 414 -5.69 25.11 7.98
C CYS B 414 -7.09 25.68 7.95
N THR B 415 -7.63 25.84 6.74
CA THR B 415 -8.94 26.45 6.53
C THR B 415 -10.04 25.44 6.26
N SER B 416 -9.72 24.15 6.31
CA SER B 416 -10.68 23.14 5.91
C SER B 416 -11.83 22.83 6.89
N LEU B 417 -11.52 22.35 8.07
CA LEU B 417 -12.60 21.89 8.96
C LEU B 417 -13.32 22.95 9.77
N LEU B 418 -12.67 24.06 10.05
CA LEU B 418 -13.33 25.06 10.92
C LEU B 418 -14.66 25.56 10.30
N PRO B 419 -15.78 25.32 10.99
CA PRO B 419 -17.05 25.78 10.40
C PRO B 419 -17.20 27.29 10.46
N GLU B 420 -17.78 27.88 9.41
CA GLU B 420 -18.02 29.32 9.38
C GLU B 420 -18.81 29.80 10.61
N SER B 421 -19.68 28.94 11.13
CA SER B 421 -20.47 29.31 12.31
C SER B 421 -19.58 29.56 13.55
N GLN B 422 -18.33 29.06 13.54
CA GLN B 422 -17.37 29.29 14.63
CA GLN B 422 -17.40 29.32 14.63
C GLN B 422 -16.46 30.49 14.36
N PHE B 423 -16.56 31.10 13.17
CA PHE B 423 -15.77 32.28 12.85
C PHE B 423 -15.88 33.41 13.88
N PRO B 424 -17.12 33.73 14.36
CA PRO B 424 -17.23 34.78 15.39
C PRO B 424 -16.42 34.42 16.66
N ASP B 425 -16.39 33.14 17.04
CA ASP B 425 -15.59 32.72 18.18
C ASP B 425 -14.08 32.83 17.89
N LEU B 426 -13.64 32.45 16.69
CA LEU B 426 -12.24 32.63 16.32
C LEU B 426 -11.82 34.09 16.47
N GLU B 427 -12.63 35.00 15.94
CA GLU B 427 -12.25 36.43 16.02
C GLU B 427 -12.19 36.92 17.46
N LYS B 428 -13.17 36.53 18.29
CA LYS B 428 -13.19 36.96 19.68
C LYS B 428 -11.97 36.43 20.42
N ARG B 429 -11.62 35.18 20.15
CA ARG B 429 -10.47 34.54 20.81
C ARG B 429 -9.16 35.20 20.39
N LEU B 430 -9.07 35.55 19.11
CA LEU B 430 -7.86 36.23 18.64
C LEU B 430 -7.80 37.64 19.27
N GLN B 431 -8.95 38.29 19.43
CA GLN B 431 -8.95 39.59 20.11
C GLN B 431 -8.45 39.45 21.55
N LEU B 433 -6.59 37.03 22.83
CA LEU B 433 -5.21 36.66 22.80
C LEU B 433 -4.37 37.91 22.61
N ASN B 434 -4.72 38.75 21.65
CA ASN B 434 -3.94 39.97 21.38
C ASN B 434 -3.99 40.99 22.52
N ALA B 435 -5.14 41.07 23.20
CA ALA B 435 -5.32 41.96 24.36
C ALA B 435 -4.36 41.53 25.46
N GLU B 436 -4.16 40.23 25.63
CA GLU B 436 -3.18 39.73 26.62
C GLU B 436 -1.76 40.08 26.15
N GLY B 437 -1.48 39.79 24.88
CA GLY B 437 -0.26 40.26 24.24
C GLY B 437 1.00 39.49 24.39
#